data_5M9Z
#
_entry.id   5M9Z
#
loop_
_entity.id
_entity.type
_entity.pdbx_description
1 polymer 'Protein PCF11'
2 non-polymer 'ZINC ION'
#
_entity_poly.entity_id   1
_entity_poly.type   'polypeptide(L)'
_entity_poly.pdbx_seq_one_letter_code
;GSVDNTLGSDRSNELEIRGKYVVVPETSQDMAFKCPICKETVTGVYDEESGEWVWKNTIEVNGKYFHSTCYHETSQNSSK
SNSGKVGLDDLKKLVTK
;
_entity_poly.pdbx_strand_id   A
#
loop_
_chem_comp.id
_chem_comp.type
_chem_comp.name
_chem_comp.formula
ZN non-polymer 'ZINC ION' 'Zn 2'
#
# COMPACT_ATOMS: atom_id res chain seq x y z
N GLY A 19 -8.76 5.58 -7.07
CA GLY A 19 -7.93 4.75 -7.91
C GLY A 19 -6.46 5.14 -7.82
N LYS A 20 -6.14 5.99 -6.86
CA LYS A 20 -4.76 6.42 -6.62
C LYS A 20 -3.95 5.26 -6.06
N TYR A 21 -2.69 5.19 -6.47
CA TYR A 21 -1.79 4.17 -5.95
C TYR A 21 -0.54 4.85 -5.42
N VAL A 22 0.16 4.13 -4.57
CA VAL A 22 1.41 4.63 -4.01
C VAL A 22 2.54 3.71 -4.43
N VAL A 23 3.63 4.28 -4.90
CA VAL A 23 4.78 3.50 -5.32
C VAL A 23 5.37 2.78 -4.11
N VAL A 24 5.60 1.48 -4.26
CA VAL A 24 6.08 0.65 -3.15
C VAL A 24 7.41 1.17 -2.63
N PRO A 25 7.43 1.53 -1.33
CA PRO A 25 8.61 2.09 -0.69
C PRO A 25 9.84 1.19 -0.79
N GLU A 26 10.97 1.79 -1.12
CA GLU A 26 12.21 1.06 -1.27
C GLU A 26 12.98 1.04 0.04
N THR A 27 12.44 1.73 1.03
CA THR A 27 13.05 1.80 2.34
C THR A 27 12.61 0.62 3.21
N SER A 28 11.54 -0.05 2.80
CA SER A 28 11.03 -1.18 3.53
C SER A 28 11.71 -2.48 3.06
N GLN A 29 11.89 -2.58 1.74
CA GLN A 29 12.60 -3.70 1.10
C GLN A 29 11.85 -5.03 1.19
N ASP A 30 10.69 -5.02 1.84
CA ASP A 30 9.87 -6.22 1.92
C ASP A 30 8.65 -6.09 1.01
N MET A 31 8.35 -4.85 0.63
CA MET A 31 7.29 -4.53 -0.33
C MET A 31 5.91 -4.93 0.18
N ALA A 32 5.78 -5.04 1.49
CA ALA A 32 4.52 -5.45 2.08
C ALA A 32 4.28 -4.75 3.42
N PHE A 33 3.02 -4.57 3.77
CA PHE A 33 2.67 -4.08 5.10
C PHE A 33 1.40 -4.79 5.56
N LYS A 34 1.25 -4.93 6.87
CA LYS A 34 0.10 -5.62 7.41
C LYS A 34 -1.02 -4.61 7.64
N CYS A 35 -2.14 -4.81 6.95
CA CYS A 35 -3.28 -3.92 7.11
C CYS A 35 -3.88 -4.09 8.50
N PRO A 36 -3.79 -3.07 9.36
CA PRO A 36 -4.21 -3.15 10.76
C PRO A 36 -5.73 -3.20 10.93
N ILE A 37 -6.46 -2.78 9.89
CA ILE A 37 -7.90 -2.64 10.01
C ILE A 37 -8.64 -3.93 9.68
N CYS A 38 -8.19 -4.67 8.67
CA CYS A 38 -8.83 -5.94 8.32
C CYS A 38 -7.83 -7.09 8.25
N LYS A 39 -6.56 -6.77 8.55
CA LYS A 39 -5.56 -7.78 8.88
C LYS A 39 -5.09 -8.64 7.69
N GLU A 40 -5.09 -8.07 6.49
CA GLU A 40 -4.48 -8.75 5.35
C GLU A 40 -3.05 -8.23 5.19
N THR A 41 -2.16 -9.07 4.70
CA THR A 41 -0.82 -8.61 4.37
C THR A 41 -0.83 -8.00 2.97
N VAL A 42 -0.53 -6.72 2.89
CA VAL A 42 -0.63 -5.99 1.63
C VAL A 42 0.63 -6.16 0.81
N THR A 43 0.48 -6.78 -0.34
CA THR A 43 1.59 -6.96 -1.27
C THR A 43 1.41 -6.03 -2.46
N GLY A 44 2.50 -5.75 -3.17
CA GLY A 44 2.41 -4.85 -4.29
C GLY A 44 3.05 -5.43 -5.53
N VAL A 45 2.63 -4.95 -6.69
CA VAL A 45 3.08 -5.51 -7.95
C VAL A 45 3.81 -4.45 -8.75
N TYR A 46 4.79 -4.88 -9.53
CA TYR A 46 5.53 -3.97 -10.38
C TYR A 46 4.79 -3.74 -11.68
N ASP A 47 4.43 -2.50 -11.95
CA ASP A 47 3.76 -2.14 -13.19
C ASP A 47 4.79 -1.65 -14.20
N GLU A 48 4.96 -2.42 -15.26
CA GLU A 48 5.97 -2.14 -16.26
C GLU A 48 5.62 -0.92 -17.10
N GLU A 49 4.34 -0.56 -17.16
CA GLU A 49 3.91 0.59 -17.95
C GLU A 49 4.28 1.90 -17.25
N SER A 50 3.99 1.99 -15.96
CA SER A 50 4.39 3.17 -15.19
C SER A 50 5.85 3.06 -14.76
N GLY A 51 6.37 1.84 -14.74
CA GLY A 51 7.76 1.60 -14.43
C GLY A 51 8.04 1.66 -12.95
N GLU A 52 6.99 1.48 -12.15
CA GLU A 52 7.11 1.55 -10.70
C GLU A 52 6.30 0.44 -10.03
N TRP A 53 6.65 0.15 -8.79
CA TRP A 53 5.90 -0.80 -7.98
C TRP A 53 4.65 -0.12 -7.43
N VAL A 54 3.51 -0.80 -7.45
CA VAL A 54 2.26 -0.16 -7.10
C VAL A 54 1.60 -0.75 -5.84
N TRP A 55 1.17 0.15 -4.96
CA TRP A 55 0.21 -0.17 -3.92
C TRP A 55 -1.08 0.60 -4.20
N LYS A 56 -2.09 -0.07 -4.73
CA LYS A 56 -3.32 0.61 -5.11
C LYS A 56 -4.38 0.46 -4.03
N ASN A 57 -5.31 1.41 -3.97
CA ASN A 57 -6.28 1.53 -2.86
C ASN A 57 -5.50 1.63 -1.56
N THR A 58 -4.46 2.44 -1.59
CA THR A 58 -3.56 2.58 -0.45
C THR A 58 -3.27 4.05 -0.18
N ILE A 59 -3.20 4.42 1.09
CA ILE A 59 -2.96 5.79 1.49
C ILE A 59 -2.04 5.83 2.71
N GLU A 60 -1.24 6.89 2.82
CA GLU A 60 -0.37 7.06 3.97
C GLU A 60 -1.03 7.99 4.98
N VAL A 61 -1.21 7.52 6.21
CA VAL A 61 -1.82 8.30 7.26
C VAL A 61 -0.89 8.36 8.46
N ASN A 62 -0.47 9.58 8.80
CA ASN A 62 0.37 9.83 9.96
C ASN A 62 1.66 9.00 9.90
N GLY A 63 2.23 8.90 8.70
CA GLY A 63 3.51 8.23 8.54
C GLY A 63 3.40 6.72 8.37
N LYS A 64 2.18 6.21 8.28
CA LYS A 64 1.98 4.78 8.06
C LYS A 64 1.05 4.53 6.88
N TYR A 65 1.32 3.47 6.14
CA TYR A 65 0.50 3.14 4.98
C TYR A 65 -0.63 2.21 5.36
N PHE A 66 -1.83 2.54 4.89
CA PHE A 66 -3.01 1.74 5.14
C PHE A 66 -3.76 1.56 3.83
N HIS A 67 -4.56 0.51 3.73
CA HIS A 67 -5.50 0.41 2.63
C HIS A 67 -6.45 1.59 2.71
N SER A 68 -6.56 2.32 1.61
CA SER A 68 -7.39 3.51 1.53
C SER A 68 -8.85 3.13 1.70
N THR A 69 -9.18 1.92 1.29
CA THR A 69 -10.53 1.42 1.42
C THR A 69 -10.91 1.22 2.89
N CYS A 70 -9.94 0.74 3.67
CA CYS A 70 -10.17 0.41 5.07
C CYS A 70 -10.28 1.64 5.95
N TYR A 71 -9.55 2.69 5.59
CA TYR A 71 -9.44 3.88 6.44
C TYR A 71 -10.81 4.49 6.75
N HIS A 72 -11.71 4.40 5.78
CA HIS A 72 -13.05 4.97 5.89
C HIS A 72 -13.86 4.35 7.04
N GLU A 73 -13.55 3.10 7.40
CA GLU A 73 -14.30 2.44 8.46
C GLU A 73 -13.96 3.06 9.82
N THR A 74 -12.76 3.59 9.93
CA THR A 74 -12.29 4.19 11.16
C THR A 74 -12.70 5.66 11.24
ZN ZN B . -7.16 -3.79 4.30
N GLY A 19 -9.32 5.45 -6.11
CA GLY A 19 -8.83 4.46 -7.06
C GLY A 19 -7.37 4.66 -7.43
N LYS A 20 -6.77 5.70 -6.90
CA LYS A 20 -5.36 5.99 -7.17
C LYS A 20 -4.46 5.16 -6.29
N TYR A 21 -3.28 4.87 -6.83
CA TYR A 21 -2.31 3.99 -6.17
C TYR A 21 -1.11 4.80 -5.72
N VAL A 22 -0.35 4.22 -4.81
CA VAL A 22 0.86 4.84 -4.32
C VAL A 22 2.05 3.97 -4.66
N VAL A 23 3.09 4.60 -5.19
CA VAL A 23 4.30 3.88 -5.57
C VAL A 23 4.96 3.27 -4.34
N VAL A 24 5.37 2.02 -4.45
CA VAL A 24 5.96 1.30 -3.33
C VAL A 24 7.22 1.99 -2.83
N PRO A 25 7.20 2.39 -1.54
CA PRO A 25 8.33 3.07 -0.91
C PRO A 25 9.57 2.19 -0.83
N GLU A 26 10.72 2.80 -1.11
CA GLU A 26 11.98 2.10 -1.11
C GLU A 26 12.56 2.02 0.29
N THR A 27 12.28 3.05 1.08
CA THR A 27 12.78 3.17 2.45
C THR A 27 11.95 2.37 3.45
N SER A 28 11.00 1.59 2.94
CA SER A 28 10.22 0.70 3.78
C SER A 28 10.96 -0.63 3.94
N GLN A 29 12.10 -0.74 3.26
CA GLN A 29 12.93 -1.94 3.27
C GLN A 29 12.23 -3.09 2.54
N ASP A 30 11.17 -3.62 3.14
CA ASP A 30 10.39 -4.67 2.52
C ASP A 30 9.20 -4.07 1.78
N MET A 31 8.81 -4.69 0.67
CA MET A 31 7.77 -4.12 -0.19
C MET A 31 6.39 -4.65 0.18
N ALA A 32 6.21 -4.97 1.46
CA ALA A 32 4.92 -5.45 1.94
C ALA A 32 4.68 -4.96 3.38
N PHE A 33 3.42 -4.92 3.77
CA PHE A 33 3.06 -4.58 5.15
C PHE A 33 1.72 -5.23 5.51
N LYS A 34 1.48 -5.39 6.80
CA LYS A 34 0.22 -5.98 7.26
C LYS A 34 -0.83 -4.90 7.46
N CYS A 35 -2.01 -5.07 6.86
CA CYS A 35 -3.09 -4.13 7.08
C CYS A 35 -3.64 -4.30 8.49
N PRO A 36 -3.50 -3.29 9.34
CA PRO A 36 -3.87 -3.38 10.76
C PRO A 36 -5.38 -3.39 11.01
N ILE A 37 -6.16 -2.94 10.02
CA ILE A 37 -7.58 -2.75 10.23
C ILE A 37 -8.39 -4.01 9.85
N CYS A 38 -8.23 -4.50 8.63
CA CYS A 38 -8.95 -5.71 8.22
C CYS A 38 -8.00 -6.90 8.14
N LYS A 39 -6.71 -6.63 8.31
CA LYS A 39 -5.71 -7.66 8.56
C LYS A 39 -5.39 -8.56 7.37
N GLU A 40 -5.46 -8.01 6.16
CA GLU A 40 -4.92 -8.73 5.01
C GLU A 40 -3.51 -8.24 4.73
N THR A 41 -2.61 -9.16 4.47
CA THR A 41 -1.22 -8.84 4.20
C THR A 41 -1.11 -8.09 2.87
N VAL A 42 -0.64 -6.87 2.92
CA VAL A 42 -0.56 -6.02 1.74
C VAL A 42 0.77 -6.21 1.02
N THR A 43 0.69 -6.70 -0.19
CA THR A 43 1.84 -6.82 -1.06
C THR A 43 1.66 -5.91 -2.26
N GLY A 44 2.72 -5.59 -2.96
CA GLY A 44 2.60 -4.73 -4.10
C GLY A 44 3.25 -5.34 -5.32
N VAL A 45 2.78 -4.93 -6.47
CA VAL A 45 3.17 -5.56 -7.72
C VAL A 45 3.92 -4.57 -8.59
N TYR A 46 4.93 -5.05 -9.28
CA TYR A 46 5.66 -4.23 -10.22
C TYR A 46 4.89 -4.12 -11.51
N ASP A 47 4.51 -2.91 -11.87
CA ASP A 47 3.81 -2.68 -13.12
C ASP A 47 4.81 -2.40 -14.21
N GLU A 48 4.94 -3.34 -15.10
CA GLU A 48 5.91 -3.28 -16.17
C GLU A 48 5.54 -2.22 -17.21
N GLU A 49 4.25 -1.90 -17.27
CA GLU A 49 3.76 -0.98 -18.28
C GLU A 49 4.09 0.47 -17.90
N SER A 50 4.06 0.77 -16.61
CA SER A 50 4.44 2.10 -16.13
C SER A 50 5.88 2.10 -15.62
N GLY A 51 6.38 0.92 -15.31
CA GLY A 51 7.75 0.76 -14.88
C GLY A 51 7.97 1.12 -13.42
N GLU A 52 6.94 0.95 -12.59
CA GLU A 52 7.06 1.23 -11.16
C GLU A 52 6.29 0.21 -10.33
N TRP A 53 6.63 0.12 -9.05
CA TRP A 53 5.92 -0.76 -8.12
C TRP A 53 4.69 -0.06 -7.57
N VAL A 54 3.56 -0.76 -7.55
CA VAL A 54 2.29 -0.14 -7.20
C VAL A 54 1.69 -0.71 -5.91
N TRP A 55 1.18 0.18 -5.08
CA TRP A 55 0.31 -0.18 -3.96
C TRP A 55 -1.09 0.38 -4.22
N LYS A 56 -2.01 -0.47 -4.61
CA LYS A 56 -3.35 -0.03 -4.98
C LYS A 56 -4.29 0.01 -3.76
N ASN A 57 -5.27 0.91 -3.82
CA ASN A 57 -6.18 1.18 -2.69
C ASN A 57 -5.37 1.49 -1.44
N THR A 58 -4.34 2.31 -1.59
CA THR A 58 -3.41 2.56 -0.49
C THR A 58 -3.21 4.06 -0.28
N ILE A 59 -3.14 4.46 0.99
CA ILE A 59 -2.91 5.85 1.36
C ILE A 59 -2.00 5.90 2.60
N GLU A 60 -1.22 6.96 2.72
CA GLU A 60 -0.38 7.15 3.89
C GLU A 60 -0.98 8.21 4.79
N VAL A 61 -1.31 7.81 6.01
CA VAL A 61 -1.88 8.73 6.98
C VAL A 61 -1.06 8.72 8.26
N ASN A 62 -0.49 9.89 8.58
CA ASN A 62 0.28 10.09 9.81
C ASN A 62 1.45 9.12 9.93
N GLY A 63 2.19 8.97 8.84
CA GLY A 63 3.40 8.18 8.86
C GLY A 63 3.13 6.70 8.74
N LYS A 64 1.89 6.35 8.47
CA LYS A 64 1.49 4.96 8.37
C LYS A 64 0.71 4.70 7.10
N TYR A 65 1.00 3.58 6.46
CA TYR A 65 0.31 3.20 5.23
C TYR A 65 -0.84 2.28 5.53
N PHE A 66 -1.99 2.60 4.94
CA PHE A 66 -3.19 1.78 5.08
C PHE A 66 -3.87 1.68 3.74
N HIS A 67 -4.71 0.67 3.56
CA HIS A 67 -5.63 0.66 2.44
C HIS A 67 -6.58 1.84 2.61
N SER A 68 -6.73 2.65 1.56
CA SER A 68 -7.63 3.80 1.59
C SER A 68 -9.05 3.35 1.90
N THR A 69 -9.35 2.14 1.42
CA THR A 69 -10.60 1.48 1.73
C THR A 69 -10.76 1.28 3.24
N CYS A 70 -9.66 0.94 3.90
CA CYS A 70 -9.67 0.71 5.35
C CYS A 70 -9.74 2.01 6.14
N TYR A 71 -9.12 3.07 5.64
CA TYR A 71 -9.13 4.34 6.37
C TYR A 71 -10.57 4.81 6.51
N HIS A 72 -11.37 4.55 5.48
CA HIS A 72 -12.77 4.90 5.49
C HIS A 72 -13.51 4.05 6.53
N GLU A 73 -13.21 2.74 6.56
CA GLU A 73 -13.92 1.82 7.46
C GLU A 73 -13.55 2.06 8.92
N THR A 74 -12.31 2.45 9.19
CA THR A 74 -11.88 2.68 10.55
C THR A 74 -12.38 4.02 11.08
ZN ZN B . -6.99 -3.56 4.33
N GLY A 19 -8.46 6.55 -6.39
CA GLY A 19 -7.72 5.81 -7.40
C GLY A 19 -6.24 6.07 -7.39
N LYS A 20 -5.76 6.81 -6.40
CA LYS A 20 -4.35 7.06 -6.27
C LYS A 20 -3.66 5.88 -5.60
N TYR A 21 -2.49 5.54 -6.12
CA TYR A 21 -1.68 4.47 -5.58
C TYR A 21 -0.44 5.05 -4.96
N VAL A 22 0.20 4.27 -4.12
CA VAL A 22 1.45 4.69 -3.49
C VAL A 22 2.57 3.78 -3.94
N VAL A 23 3.69 4.38 -4.31
CA VAL A 23 4.84 3.64 -4.82
C VAL A 23 5.45 2.80 -3.70
N VAL A 24 5.68 1.53 -4.00
CA VAL A 24 6.21 0.58 -3.03
C VAL A 24 7.57 1.04 -2.52
N PRO A 25 7.69 1.20 -1.20
CA PRO A 25 8.95 1.57 -0.55
C PRO A 25 10.02 0.53 -0.82
N GLU A 26 11.26 0.99 -1.00
CA GLU A 26 12.36 0.13 -1.44
C GLU A 26 12.43 -1.17 -0.63
N THR A 27 12.39 -1.04 0.68
CA THR A 27 12.48 -2.19 1.55
C THR A 27 11.14 -2.51 2.21
N SER A 28 10.78 -1.71 3.22
CA SER A 28 9.59 -1.96 4.06
C SER A 28 9.76 -3.29 4.80
N GLN A 29 9.41 -4.38 4.14
CA GLN A 29 9.62 -5.72 4.66
C GLN A 29 9.90 -6.67 3.49
N ASP A 30 8.82 -7.13 2.88
CA ASP A 30 8.90 -7.92 1.66
C ASP A 30 8.12 -7.22 0.55
N MET A 31 8.36 -5.91 0.44
CA MET A 31 7.61 -5.04 -0.48
C MET A 31 6.12 -5.08 -0.16
N ALA A 32 5.83 -5.21 1.13
CA ALA A 32 4.48 -5.36 1.61
C ALA A 32 4.30 -4.66 2.96
N PHE A 33 3.06 -4.39 3.32
CA PHE A 33 2.72 -3.89 4.65
C PHE A 33 1.48 -4.64 5.14
N LYS A 34 1.20 -4.57 6.43
CA LYS A 34 0.07 -5.31 6.96
C LYS A 34 -1.02 -4.35 7.44
N CYS A 35 -2.21 -4.51 6.87
CA CYS A 35 -3.34 -3.66 7.17
C CYS A 35 -3.90 -4.03 8.54
N PRO A 36 -3.76 -3.12 9.51
CA PRO A 36 -4.14 -3.39 10.91
C PRO A 36 -5.65 -3.44 11.14
N ILE A 37 -6.43 -2.83 10.25
CA ILE A 37 -7.85 -2.72 10.46
C ILE A 37 -8.53 -4.07 10.28
N CYS A 38 -8.06 -4.83 9.30
CA CYS A 38 -8.68 -6.10 8.92
C CYS A 38 -7.68 -7.24 8.84
N LYS A 39 -6.41 -6.94 9.15
CA LYS A 39 -5.34 -7.95 9.21
C LYS A 39 -4.93 -8.49 7.84
N GLU A 40 -5.03 -7.67 6.81
CA GLU A 40 -4.58 -8.09 5.49
C GLU A 40 -3.09 -7.83 5.33
N THR A 41 -2.36 -8.80 4.83
CA THR A 41 -1.00 -8.55 4.39
C THR A 41 -1.06 -8.03 2.96
N VAL A 42 -0.63 -6.80 2.78
CA VAL A 42 -0.78 -6.12 1.51
C VAL A 42 0.48 -6.20 0.68
N THR A 43 0.38 -6.87 -0.46
CA THR A 43 1.48 -7.01 -1.37
C THR A 43 1.30 -6.08 -2.55
N GLY A 44 2.37 -5.79 -3.27
CA GLY A 44 2.27 -4.86 -4.35
C GLY A 44 2.85 -5.41 -5.62
N VAL A 45 2.41 -4.86 -6.73
CA VAL A 45 2.75 -5.39 -8.04
C VAL A 45 3.65 -4.42 -8.78
N TYR A 46 4.56 -4.96 -9.58
CA TYR A 46 5.40 -4.12 -10.41
C TYR A 46 4.61 -3.69 -11.63
N ASP A 47 4.42 -2.38 -11.76
CA ASP A 47 3.67 -1.83 -12.87
C ASP A 47 4.61 -1.52 -14.01
N GLU A 48 4.62 -2.38 -15.02
CA GLU A 48 5.54 -2.24 -16.14
C GLU A 48 5.21 -1.02 -17.00
N GLU A 49 3.96 -0.57 -16.92
CA GLU A 49 3.52 0.57 -17.70
C GLU A 49 4.22 1.84 -17.26
N SER A 50 4.34 2.03 -15.95
CA SER A 50 5.05 3.17 -15.39
C SER A 50 6.49 2.80 -15.02
N GLY A 51 6.74 1.51 -14.85
CA GLY A 51 8.06 1.03 -14.52
C GLY A 51 8.37 1.14 -13.04
N GLU A 52 7.33 1.24 -12.21
CA GLU A 52 7.51 1.35 -10.77
C GLU A 52 6.57 0.39 -10.04
N TRP A 53 6.93 0.05 -8.81
CA TRP A 53 6.09 -0.84 -8.00
C TRP A 53 4.94 -0.06 -7.39
N VAL A 54 3.76 -0.65 -7.41
CA VAL A 54 2.54 0.05 -6.99
C VAL A 54 1.85 -0.61 -5.79
N TRP A 55 1.34 0.23 -4.91
CA TRP A 55 0.36 -0.17 -3.90
C TRP A 55 -0.97 0.52 -4.21
N LYS A 56 -1.92 -0.24 -4.74
CA LYS A 56 -3.21 0.34 -5.14
C LYS A 56 -4.19 0.31 -3.97
N ASN A 57 -5.13 1.26 -3.97
CA ASN A 57 -6.06 1.46 -2.87
C ASN A 57 -5.30 1.66 -1.57
N THR A 58 -4.23 2.44 -1.64
CA THR A 58 -3.37 2.63 -0.49
C THR A 58 -3.20 4.12 -0.17
N ILE A 59 -3.19 4.44 1.12
CA ILE A 59 -3.03 5.81 1.56
C ILE A 59 -2.07 5.84 2.76
N GLU A 60 -1.28 6.89 2.86
CA GLU A 60 -0.36 7.04 3.97
C GLU A 60 -0.90 8.05 4.97
N VAL A 61 -1.08 7.58 6.20
CA VAL A 61 -1.60 8.41 7.28
C VAL A 61 -0.73 8.25 8.52
N ASN A 62 -0.27 9.37 9.06
CA ASN A 62 0.57 9.38 10.26
C ASN A 62 1.86 8.60 10.01
N GLY A 63 2.35 8.66 8.78
CA GLY A 63 3.57 7.97 8.41
C GLY A 63 3.36 6.49 8.21
N LYS A 64 2.11 6.06 8.19
CA LYS A 64 1.77 4.65 8.11
C LYS A 64 0.88 4.40 6.90
N TYR A 65 1.07 3.25 6.25
CA TYR A 65 0.32 2.93 5.06
C TYR A 65 -0.89 2.05 5.38
N PHE A 66 -2.02 2.42 4.81
CA PHE A 66 -3.26 1.67 4.99
C PHE A 66 -4.00 1.58 3.66
N HIS A 67 -4.94 0.65 3.57
CA HIS A 67 -5.85 0.63 2.44
C HIS A 67 -6.77 1.85 2.51
N SER A 68 -6.86 2.60 1.42
CA SER A 68 -7.72 3.77 1.36
C SER A 68 -9.16 3.34 1.52
N THR A 69 -9.46 2.19 0.96
CA THR A 69 -10.79 1.59 1.06
C THR A 69 -11.12 1.24 2.51
N CYS A 70 -10.16 0.64 3.21
CA CYS A 70 -10.36 0.18 4.58
C CYS A 70 -10.34 1.32 5.59
N TYR A 71 -9.56 2.35 5.32
CA TYR A 71 -9.27 3.39 6.30
C TYR A 71 -10.54 4.07 6.84
N HIS A 72 -11.54 4.25 5.98
CA HIS A 72 -12.73 4.99 6.35
C HIS A 72 -13.53 4.31 7.46
N GLU A 73 -13.42 2.98 7.58
CA GLU A 73 -14.19 2.26 8.60
C GLU A 73 -13.66 2.58 9.99
N THR A 74 -12.40 2.99 10.08
CA THR A 74 -11.81 3.36 11.36
C THR A 74 -12.19 4.80 11.70
ZN ZN B . -7.45 -3.65 4.66
N GLY A 19 -8.93 5.02 -7.00
CA GLY A 19 -8.27 3.86 -7.59
C GLY A 19 -6.80 4.09 -7.84
N LYS A 20 -6.32 5.27 -7.48
CA LYS A 20 -4.91 5.59 -7.65
C LYS A 20 -4.05 4.91 -6.60
N TYR A 21 -2.82 4.64 -6.98
CA TYR A 21 -1.91 3.82 -6.22
C TYR A 21 -0.73 4.63 -5.74
N VAL A 22 -0.02 4.09 -4.75
CA VAL A 22 1.19 4.70 -4.26
C VAL A 22 2.35 3.75 -4.51
N VAL A 23 3.44 4.29 -5.02
CA VAL A 23 4.61 3.49 -5.39
C VAL A 23 5.19 2.81 -4.15
N VAL A 24 5.52 1.52 -4.29
CA VAL A 24 6.05 0.74 -3.18
C VAL A 24 7.34 1.36 -2.66
N PRO A 25 7.35 1.73 -1.39
CA PRO A 25 8.49 2.37 -0.72
C PRO A 25 9.77 1.54 -0.81
N GLU A 26 10.89 2.23 -0.97
CA GLU A 26 12.20 1.60 -1.04
C GLU A 26 12.62 1.06 0.32
N THR A 27 11.93 1.53 1.35
CA THR A 27 12.17 1.08 2.71
C THR A 27 11.07 0.12 3.17
N SER A 28 10.39 -0.49 2.20
CA SER A 28 9.32 -1.42 2.49
C SER A 28 9.88 -2.75 2.99
N GLN A 29 9.12 -3.42 3.84
CA GLN A 29 9.55 -4.69 4.42
C GLN A 29 9.09 -5.85 3.55
N ASP A 30 9.94 -6.20 2.59
CA ASP A 30 9.67 -7.28 1.64
C ASP A 30 8.49 -6.92 0.74
N MET A 31 8.39 -5.63 0.43
CA MET A 31 7.35 -5.10 -0.48
C MET A 31 5.94 -5.35 0.07
N ALA A 32 5.82 -5.45 1.38
CA ALA A 32 4.54 -5.73 2.00
C ALA A 32 4.39 -5.02 3.33
N PHE A 33 3.14 -4.77 3.71
CA PHE A 33 2.84 -4.28 5.05
C PHE A 33 1.55 -4.93 5.53
N LYS A 34 1.33 -4.94 6.84
CA LYS A 34 0.18 -5.62 7.40
C LYS A 34 -0.93 -4.63 7.71
N CYS A 35 -2.11 -4.85 7.12
CA CYS A 35 -3.27 -4.00 7.37
C CYS A 35 -3.88 -4.34 8.74
N PRO A 36 -3.84 -3.40 9.68
CA PRO A 36 -4.26 -3.65 11.08
C PRO A 36 -5.77 -3.86 11.22
N ILE A 37 -6.55 -3.24 10.35
CA ILE A 37 -8.01 -3.29 10.45
C ILE A 37 -8.56 -4.67 10.09
N CYS A 38 -8.21 -5.14 8.91
CA CYS A 38 -8.77 -6.40 8.39
C CYS A 38 -7.74 -7.53 8.39
N LYS A 39 -6.55 -7.23 8.90
CA LYS A 39 -5.51 -8.24 9.14
C LYS A 39 -4.98 -8.86 7.85
N GLU A 40 -5.00 -8.10 6.76
CA GLU A 40 -4.52 -8.60 5.49
C GLU A 40 -3.11 -8.10 5.23
N THR A 41 -2.23 -8.99 4.78
CA THR A 41 -0.89 -8.60 4.37
C THR A 41 -0.93 -8.03 2.96
N VAL A 42 -0.53 -6.77 2.84
CA VAL A 42 -0.61 -6.06 1.57
C VAL A 42 0.68 -6.19 0.77
N THR A 43 0.58 -6.82 -0.39
CA THR A 43 1.71 -6.97 -1.27
C THR A 43 1.54 -6.05 -2.49
N GLY A 44 2.63 -5.74 -3.17
CA GLY A 44 2.53 -4.90 -4.34
C GLY A 44 3.25 -5.47 -5.52
N VAL A 45 2.83 -5.08 -6.70
CA VAL A 45 3.37 -5.63 -7.94
C VAL A 45 4.12 -4.55 -8.70
N TYR A 46 5.13 -4.96 -9.45
CA TYR A 46 5.84 -4.03 -10.32
C TYR A 46 5.05 -3.87 -11.60
N ASP A 47 4.63 -2.65 -11.87
CA ASP A 47 3.85 -2.37 -13.06
C ASP A 47 4.79 -2.02 -14.20
N GLU A 48 4.95 -2.93 -15.13
CA GLU A 48 5.87 -2.76 -16.25
C GLU A 48 5.39 -1.68 -17.22
N GLU A 49 4.09 -1.41 -17.20
CA GLU A 49 3.48 -0.44 -18.11
C GLU A 49 3.97 0.97 -17.79
N SER A 50 3.99 1.31 -16.50
CA SER A 50 4.51 2.59 -16.05
C SER A 50 5.97 2.48 -15.60
N GLY A 51 6.36 1.26 -15.23
CA GLY A 51 7.71 0.99 -14.76
C GLY A 51 7.90 1.35 -13.29
N GLU A 52 6.85 1.20 -12.49
CA GLU A 52 6.91 1.51 -11.06
C GLU A 52 6.17 0.45 -10.24
N TRP A 53 6.59 0.26 -8.99
CA TRP A 53 5.91 -0.67 -8.09
C TRP A 53 4.63 -0.04 -7.58
N VAL A 54 3.55 -0.80 -7.54
CA VAL A 54 2.24 -0.24 -7.20
C VAL A 54 1.65 -0.81 -5.90
N TRP A 55 1.19 0.10 -5.04
CA TRP A 55 0.28 -0.25 -3.95
C TRP A 55 -1.05 0.44 -4.19
N LYS A 56 -2.04 -0.31 -4.67
CA LYS A 56 -3.30 0.28 -5.06
C LYS A 56 -4.28 0.39 -3.90
N ASN A 57 -5.16 1.39 -3.98
CA ASN A 57 -6.09 1.73 -2.91
C ASN A 57 -5.34 1.92 -1.60
N THR A 58 -4.20 2.57 -1.67
CA THR A 58 -3.36 2.77 -0.50
C THR A 58 -3.15 4.26 -0.23
N ILE A 59 -3.15 4.62 1.05
CA ILE A 59 -2.97 6.00 1.47
C ILE A 59 -2.04 6.04 2.67
N GLU A 60 -1.17 7.04 2.72
CA GLU A 60 -0.27 7.20 3.85
C GLU A 60 -0.86 8.22 4.82
N VAL A 61 -1.09 7.77 6.05
CA VAL A 61 -1.64 8.62 7.09
C VAL A 61 -0.76 8.59 8.33
N ASN A 62 -0.22 9.75 8.68
CA ASN A 62 0.58 9.93 9.89
C ASN A 62 1.80 9.00 9.91
N GLY A 63 2.41 8.84 8.74
CA GLY A 63 3.63 8.08 8.63
C GLY A 63 3.39 6.58 8.45
N LYS A 64 2.13 6.20 8.29
CA LYS A 64 1.79 4.79 8.11
C LYS A 64 0.89 4.60 6.90
N TYR A 65 1.15 3.54 6.15
CA TYR A 65 0.39 3.25 4.95
C TYR A 65 -0.79 2.34 5.28
N PHE A 66 -1.97 2.74 4.82
CA PHE A 66 -3.18 1.95 5.01
C PHE A 66 -3.96 1.90 3.70
N HIS A 67 -4.88 0.96 3.60
CA HIS A 67 -5.79 0.93 2.46
C HIS A 67 -6.77 2.09 2.56
N SER A 68 -6.89 2.85 1.48
CA SER A 68 -7.79 3.98 1.42
C SER A 68 -9.22 3.50 1.53
N THR A 69 -9.46 2.29 1.03
CA THR A 69 -10.75 1.65 1.15
C THR A 69 -11.06 1.33 2.62
N CYS A 70 -10.04 0.83 3.31
CA CYS A 70 -10.14 0.44 4.71
C CYS A 70 -10.21 1.65 5.64
N TYR A 71 -9.62 2.77 5.22
CA TYR A 71 -9.53 3.96 6.05
C TYR A 71 -10.91 4.41 6.54
N HIS A 72 -11.92 4.23 5.70
CA HIS A 72 -13.29 4.60 6.07
C HIS A 72 -13.78 3.77 7.26
N GLU A 73 -13.24 2.56 7.38
CA GLU A 73 -13.60 1.64 8.47
C GLU A 73 -13.07 2.15 9.81
N THR A 74 -11.86 2.69 9.78
CA THR A 74 -11.20 3.14 11.00
C THR A 74 -11.61 4.56 11.34
ZN ZN B . -7.10 -3.57 4.52
N GLY A 19 -8.41 6.14 -6.32
CA GLY A 19 -7.64 5.43 -7.33
C GLY A 19 -6.16 5.67 -7.24
N LYS A 20 -5.75 6.35 -6.18
CA LYS A 20 -4.34 6.64 -5.98
C LYS A 20 -3.63 5.43 -5.39
N TYR A 21 -2.50 5.10 -5.97
CA TYR A 21 -1.65 4.05 -5.46
C TYR A 21 -0.37 4.65 -4.90
N VAL A 22 0.32 3.89 -4.06
CA VAL A 22 1.57 4.35 -3.49
C VAL A 22 2.67 3.42 -3.94
N VAL A 23 3.77 3.98 -4.39
CA VAL A 23 4.89 3.20 -4.89
C VAL A 23 5.50 2.38 -3.76
N VAL A 24 5.71 1.08 -4.03
CA VAL A 24 6.30 0.19 -3.05
C VAL A 24 7.69 0.69 -2.65
N PRO A 25 7.87 0.90 -1.34
CA PRO A 25 9.11 1.45 -0.79
C PRO A 25 10.34 0.62 -1.18
N GLU A 26 11.41 1.30 -1.55
CA GLU A 26 12.63 0.64 -2.01
C GLU A 26 13.55 0.38 -0.82
N THR A 27 14.25 -0.76 -0.88
CA THR A 27 15.14 -1.21 0.20
C THR A 27 14.49 -1.10 1.57
N SER A 28 13.18 -1.38 1.62
CA SER A 28 12.43 -1.29 2.86
C SER A 28 12.19 -2.69 3.42
N GLN A 29 13.27 -3.47 3.51
CA GLN A 29 13.24 -4.84 4.01
C GLN A 29 12.56 -5.79 3.04
N ASP A 30 11.27 -5.57 2.78
CA ASP A 30 10.49 -6.44 1.91
C ASP A 30 9.50 -5.59 1.11
N MET A 31 8.55 -6.25 0.44
CA MET A 31 7.63 -5.57 -0.46
C MET A 31 6.19 -5.65 0.05
N ALA A 32 6.05 -6.02 1.32
CA ALA A 32 4.72 -6.26 1.88
C ALA A 32 4.62 -5.78 3.33
N PHE A 33 3.43 -5.30 3.68
CA PHE A 33 3.09 -4.96 5.06
C PHE A 33 1.70 -5.50 5.35
N LYS A 34 1.29 -5.59 6.60
CA LYS A 34 -0.05 -6.10 6.89
C LYS A 34 -0.99 -4.97 7.29
N CYS A 35 -2.18 -4.99 6.69
CA CYS A 35 -3.22 -4.02 6.97
C CYS A 35 -3.81 -4.29 8.35
N PRO A 36 -3.63 -3.37 9.30
CA PRO A 36 -4.01 -3.60 10.71
C PRO A 36 -5.53 -3.71 10.92
N ILE A 37 -6.30 -3.01 10.10
CA ILE A 37 -7.74 -2.90 10.32
C ILE A 37 -8.45 -4.23 10.00
N CYS A 38 -8.26 -4.72 8.79
CA CYS A 38 -8.93 -5.96 8.36
C CYS A 38 -7.94 -7.12 8.28
N LYS A 39 -6.68 -6.84 8.59
CA LYS A 39 -5.65 -7.87 8.73
C LYS A 39 -5.29 -8.54 7.41
N GLU A 40 -5.41 -7.81 6.32
CA GLU A 40 -4.92 -8.29 5.02
C GLU A 40 -3.41 -8.13 4.95
N THR A 41 -2.72 -9.17 4.51
CA THR A 41 -1.33 -9.01 4.15
C THR A 41 -1.24 -8.31 2.80
N VAL A 42 -0.64 -7.14 2.78
CA VAL A 42 -0.64 -6.31 1.59
C VAL A 42 0.62 -6.53 0.78
N THR A 43 0.44 -7.02 -0.43
CA THR A 43 1.54 -7.20 -1.36
C THR A 43 1.38 -6.23 -2.53
N GLY A 44 2.46 -5.96 -3.24
CA GLY A 44 2.38 -5.02 -4.33
C GLY A 44 3.01 -5.57 -5.59
N VAL A 45 2.55 -5.05 -6.71
CA VAL A 45 2.98 -5.51 -8.01
C VAL A 45 3.78 -4.44 -8.71
N TYR A 46 4.73 -4.84 -9.54
CA TYR A 46 5.52 -3.89 -10.31
C TYR A 46 4.77 -3.48 -11.57
N ASP A 47 4.48 -2.20 -11.69
CA ASP A 47 3.87 -1.69 -12.90
C ASP A 47 4.94 -1.22 -13.87
N GLU A 48 5.15 -2.00 -14.91
CA GLU A 48 6.17 -1.72 -15.91
C GLU A 48 5.86 -0.43 -16.65
N GLU A 49 4.59 -0.06 -16.67
CA GLU A 49 4.13 1.08 -17.44
C GLU A 49 4.58 2.40 -16.82
N SER A 50 4.41 2.53 -15.50
CA SER A 50 4.90 3.69 -14.79
C SER A 50 6.35 3.49 -14.34
N GLY A 51 6.79 2.24 -14.37
CA GLY A 51 8.17 1.92 -14.03
C GLY A 51 8.40 1.88 -12.53
N GLU A 52 7.33 1.82 -11.77
CA GLU A 52 7.40 1.77 -10.33
C GLU A 52 6.47 0.70 -9.76
N TRP A 53 6.81 0.20 -8.59
CA TRP A 53 5.96 -0.77 -7.91
C TRP A 53 4.71 -0.08 -7.38
N VAL A 54 3.60 -0.80 -7.32
CA VAL A 54 2.34 -0.20 -6.93
C VAL A 54 1.71 -0.88 -5.71
N TRP A 55 1.28 -0.04 -4.77
CA TRP A 55 0.34 -0.44 -3.72
C TRP A 55 -1.00 0.23 -4.00
N LYS A 56 -1.96 -0.52 -4.51
CA LYS A 56 -3.25 0.06 -4.89
C LYS A 56 -4.18 0.21 -3.68
N ASN A 57 -5.06 1.20 -3.76
CA ASN A 57 -5.99 1.53 -2.66
C ASN A 57 -5.20 1.79 -1.40
N THR A 58 -4.10 2.49 -1.52
CA THR A 58 -3.21 2.73 -0.40
C THR A 58 -3.05 4.22 -0.15
N ILE A 59 -3.03 4.58 1.13
CA ILE A 59 -2.93 5.97 1.54
C ILE A 59 -2.00 6.09 2.73
N GLU A 60 -1.23 7.18 2.77
CA GLU A 60 -0.36 7.43 3.91
C GLU A 60 -1.07 8.38 4.87
N VAL A 61 -1.27 7.90 6.09
CA VAL A 61 -1.91 8.67 7.13
C VAL A 61 -1.04 8.66 8.39
N ASN A 62 -0.61 9.83 8.84
CA ASN A 62 0.25 9.97 10.02
C ASN A 62 1.57 9.22 9.83
N GLY A 63 2.06 9.20 8.59
CA GLY A 63 3.32 8.57 8.30
C GLY A 63 3.18 7.07 8.18
N LYS A 64 1.94 6.60 8.07
CA LYS A 64 1.68 5.17 8.01
C LYS A 64 0.92 4.81 6.75
N TYR A 65 1.28 3.70 6.13
CA TYR A 65 0.61 3.25 4.93
C TYR A 65 -0.55 2.33 5.29
N PHE A 66 -1.74 2.72 4.84
CA PHE A 66 -2.94 1.92 5.07
C PHE A 66 -3.73 1.78 3.78
N HIS A 67 -4.65 0.82 3.76
CA HIS A 67 -5.60 0.74 2.67
C HIS A 67 -6.59 1.89 2.79
N SER A 68 -6.76 2.64 1.71
CA SER A 68 -7.67 3.77 1.68
C SER A 68 -9.11 3.31 1.88
N THR A 69 -9.38 2.08 1.44
CA THR A 69 -10.69 1.51 1.57
C THR A 69 -11.04 1.24 3.05
N CYS A 70 -10.03 0.80 3.80
CA CYS A 70 -10.22 0.40 5.19
C CYS A 70 -10.33 1.60 6.13
N TYR A 71 -9.59 2.66 5.83
CA TYR A 71 -9.43 3.79 6.75
C TYR A 71 -10.79 4.40 7.15
N HIS A 72 -11.73 4.38 6.23
CA HIS A 72 -13.04 5.01 6.43
C HIS A 72 -13.79 4.42 7.62
N GLU A 73 -13.51 3.17 7.94
CA GLU A 73 -14.22 2.49 9.02
C GLU A 73 -13.82 3.08 10.38
N THR A 74 -12.58 3.55 10.49
CA THR A 74 -12.09 4.02 11.77
C THR A 74 -12.35 5.52 11.96
ZN ZN B . -7.22 -3.60 4.34
N GLY A 19 -8.27 6.27 -6.57
CA GLY A 19 -7.35 5.58 -7.45
C GLY A 19 -5.91 5.84 -7.09
N LYS A 20 -5.71 6.41 -5.92
CA LYS A 20 -4.38 6.73 -5.44
C LYS A 20 -3.63 5.47 -5.04
N TYR A 21 -2.40 5.37 -5.50
CA TYR A 21 -1.53 4.26 -5.18
C TYR A 21 -0.22 4.78 -4.61
N VAL A 22 0.48 3.93 -3.89
CA VAL A 22 1.77 4.31 -3.33
C VAL A 22 2.84 3.40 -3.90
N VAL A 23 3.94 3.99 -4.35
CA VAL A 23 5.05 3.22 -4.89
C VAL A 23 5.66 2.35 -3.80
N VAL A 24 5.77 1.05 -4.07
CA VAL A 24 6.26 0.10 -3.08
C VAL A 24 7.67 0.45 -2.64
N PRO A 25 7.84 0.70 -1.34
CA PRO A 25 9.14 1.03 -0.76
C PRO A 25 10.16 -0.10 -0.97
N GLU A 26 11.37 0.27 -1.36
CA GLU A 26 12.43 -0.70 -1.61
C GLU A 26 13.10 -1.12 -0.30
N THR A 27 12.64 -0.54 0.79
CA THR A 27 13.11 -0.92 2.11
C THR A 27 12.41 -2.19 2.58
N SER A 28 11.19 -2.38 2.07
CA SER A 28 10.42 -3.58 2.38
C SER A 28 10.87 -4.73 1.50
N GLN A 29 11.55 -5.69 2.10
CA GLN A 29 12.03 -6.86 1.37
C GLN A 29 10.88 -7.82 1.07
N ASP A 30 9.70 -7.46 1.54
CA ASP A 30 8.49 -8.23 1.27
C ASP A 30 7.66 -7.57 0.18
N MET A 31 7.94 -6.28 -0.06
CA MET A 31 7.16 -5.44 -0.97
C MET A 31 5.71 -5.37 -0.49
N ALA A 32 5.52 -5.61 0.80
CA ALA A 32 4.20 -5.76 1.37
C ALA A 32 4.14 -5.20 2.79
N PHE A 33 2.92 -4.94 3.26
CA PHE A 33 2.68 -4.61 4.66
C PHE A 33 1.36 -5.25 5.06
N LYS A 34 1.16 -5.54 6.33
CA LYS A 34 -0.05 -6.22 6.75
C LYS A 34 -1.07 -5.22 7.30
N CYS A 35 -2.24 -5.19 6.66
CA CYS A 35 -3.28 -4.21 6.98
C CYS A 35 -3.83 -4.41 8.39
N PRO A 36 -3.65 -3.39 9.25
CA PRO A 36 -4.12 -3.43 10.65
C PRO A 36 -5.65 -3.42 10.77
N ILE A 37 -6.33 -2.92 9.74
CA ILE A 37 -7.78 -2.79 9.78
C ILE A 37 -8.47 -4.15 9.62
N CYS A 38 -7.96 -4.98 8.71
CA CYS A 38 -8.61 -6.25 8.38
C CYS A 38 -7.67 -7.43 8.57
N LYS A 39 -6.44 -7.13 9.00
CA LYS A 39 -5.44 -8.16 9.31
C LYS A 39 -5.08 -8.99 8.08
N GLU A 40 -5.20 -8.37 6.91
CA GLU A 40 -4.83 -9.04 5.67
C GLU A 40 -3.55 -8.45 5.12
N THR A 41 -2.67 -9.32 4.64
CA THR A 41 -1.40 -8.91 4.09
C THR A 41 -1.59 -8.16 2.78
N VAL A 42 -1.08 -6.96 2.70
CA VAL A 42 -1.21 -6.14 1.50
C VAL A 42 0.05 -6.27 0.65
N THR A 43 -0.11 -6.84 -0.53
CA THR A 43 0.99 -7.00 -1.46
C THR A 43 0.86 -6.01 -2.61
N GLY A 44 1.97 -5.74 -3.29
CA GLY A 44 1.94 -4.80 -4.37
C GLY A 44 2.58 -5.38 -5.60
N VAL A 45 2.19 -4.85 -6.75
CA VAL A 45 2.60 -5.39 -8.03
C VAL A 45 3.51 -4.40 -8.74
N TYR A 46 4.46 -4.90 -9.50
CA TYR A 46 5.31 -4.05 -10.30
C TYR A 46 4.60 -3.69 -11.59
N ASP A 47 4.42 -2.41 -11.83
CA ASP A 47 3.76 -1.97 -13.04
C ASP A 47 4.80 -1.77 -14.12
N GLU A 48 4.80 -2.67 -15.09
CA GLU A 48 5.81 -2.71 -16.12
C GLU A 48 5.72 -1.53 -17.07
N GLU A 49 4.55 -0.93 -17.16
CA GLU A 49 4.34 0.19 -18.06
C GLU A 49 4.99 1.46 -17.51
N SER A 50 4.74 1.76 -16.24
CA SER A 50 5.32 2.94 -15.61
C SER A 50 6.71 2.65 -15.06
N GLY A 51 7.00 1.36 -14.88
CA GLY A 51 8.29 0.94 -14.39
C GLY A 51 8.45 1.11 -12.89
N GLU A 52 7.32 1.15 -12.19
CA GLU A 52 7.33 1.34 -10.74
C GLU A 52 6.37 0.37 -10.07
N TRP A 53 6.68 0.04 -8.82
CA TRP A 53 5.83 -0.84 -8.01
C TRP A 53 4.64 -0.07 -7.46
N VAL A 54 3.50 -0.73 -7.37
CA VAL A 54 2.28 -0.04 -6.97
C VAL A 54 1.61 -0.70 -5.75
N TRP A 55 1.22 0.14 -4.79
CA TRP A 55 0.27 -0.25 -3.76
C TRP A 55 -1.05 0.47 -4.02
N LYS A 56 -2.01 -0.25 -4.58
CA LYS A 56 -3.30 0.36 -4.93
C LYS A 56 -4.27 0.26 -3.76
N ASN A 57 -5.22 1.20 -3.70
CA ASN A 57 -6.11 1.36 -2.55
C ASN A 57 -5.27 1.52 -1.29
N THR A 58 -4.26 2.37 -1.37
CA THR A 58 -3.35 2.59 -0.25
C THR A 58 -3.08 4.09 -0.06
N ILE A 59 -3.02 4.52 1.20
CA ILE A 59 -2.78 5.92 1.53
C ILE A 59 -1.87 6.03 2.75
N GLU A 60 -1.04 7.06 2.78
CA GLU A 60 -0.21 7.32 3.96
C GLU A 60 -0.90 8.33 4.85
N VAL A 61 -1.16 7.92 6.08
CA VAL A 61 -1.80 8.78 7.06
C VAL A 61 -0.94 8.83 8.31
N ASN A 62 -0.52 10.03 8.69
CA ASN A 62 0.33 10.24 9.87
C ASN A 62 1.63 9.45 9.77
N GLY A 63 2.13 9.31 8.55
CA GLY A 63 3.39 8.62 8.32
C GLY A 63 3.23 7.12 8.21
N LYS A 64 2.02 6.64 8.36
CA LYS A 64 1.75 5.20 8.31
C LYS A 64 0.89 4.85 7.11
N TYR A 65 1.13 3.67 6.52
CA TYR A 65 0.42 3.26 5.32
C TYR A 65 -0.74 2.34 5.65
N PHE A 66 -1.91 2.69 5.14
CA PHE A 66 -3.11 1.89 5.33
C PHE A 66 -3.85 1.76 4.01
N HIS A 67 -4.75 0.78 3.93
CA HIS A 67 -5.65 0.69 2.78
C HIS A 67 -6.51 1.94 2.71
N SER A 68 -6.54 2.55 1.54
CA SER A 68 -7.37 3.73 1.30
C SER A 68 -8.83 3.34 1.42
N THR A 69 -9.12 2.08 1.09
CA THR A 69 -10.46 1.54 1.23
C THR A 69 -10.83 1.44 2.71
N CYS A 70 -9.90 0.91 3.50
CA CYS A 70 -10.14 0.63 4.91
C CYS A 70 -10.14 1.89 5.75
N TYR A 71 -9.37 2.89 5.36
CA TYR A 71 -9.21 4.10 6.16
C TYR A 71 -10.56 4.76 6.43
N HIS A 72 -11.44 4.69 5.45
CA HIS A 72 -12.77 5.28 5.58
C HIS A 72 -13.61 4.53 6.62
N GLU A 73 -13.32 3.24 6.80
CA GLU A 73 -14.11 2.41 7.71
C GLU A 73 -13.99 2.93 9.13
N THR A 74 -12.83 3.47 9.47
CA THR A 74 -12.60 3.95 10.82
C THR A 74 -13.05 5.41 10.96
ZN ZN B . -7.42 -3.73 4.64
N GLY A 19 -8.92 5.06 -7.25
CA GLY A 19 -8.06 4.07 -7.86
C GLY A 19 -6.61 4.50 -7.88
N LYS A 20 -6.31 5.56 -7.14
CA LYS A 20 -4.94 6.03 -7.04
C LYS A 20 -4.08 5.02 -6.30
N TYR A 21 -2.81 5.00 -6.65
CA TYR A 21 -1.88 4.00 -6.15
C TYR A 21 -0.68 4.66 -5.50
N VAL A 22 0.01 3.91 -4.67
CA VAL A 22 1.28 4.34 -4.09
C VAL A 22 2.36 3.37 -4.52
N VAL A 23 3.48 3.93 -4.97
CA VAL A 23 4.59 3.11 -5.43
C VAL A 23 5.18 2.30 -4.28
N VAL A 24 5.38 1.01 -4.51
CA VAL A 24 5.92 0.13 -3.48
C VAL A 24 7.33 0.56 -3.12
N PRO A 25 7.55 0.88 -1.84
CA PRO A 25 8.84 1.37 -1.35
C PRO A 25 9.99 0.41 -1.63
N GLU A 26 11.11 0.96 -2.08
CA GLU A 26 12.31 0.16 -2.31
C GLU A 26 13.31 0.42 -1.19
N THR A 27 12.97 1.36 -0.32
CA THR A 27 13.78 1.67 0.85
C THR A 27 13.42 0.74 2.01
N SER A 28 12.40 -0.08 1.76
CA SER A 28 11.92 -1.01 2.76
C SER A 28 12.45 -2.41 2.46
N GLN A 29 12.85 -3.11 3.53
CA GLN A 29 13.36 -4.47 3.40
C GLN A 29 12.22 -5.42 3.13
N ASP A 30 11.08 -5.12 3.73
CA ASP A 30 9.84 -5.81 3.45
C ASP A 30 8.92 -4.91 2.64
N MET A 31 8.73 -5.25 1.37
CA MET A 31 7.93 -4.43 0.44
C MET A 31 6.44 -4.68 0.65
N ALA A 32 6.04 -4.83 1.91
CA ALA A 32 4.67 -5.11 2.25
C ALA A 32 4.32 -4.43 3.57
N PHE A 33 3.03 -4.28 3.84
CA PHE A 33 2.61 -3.78 5.14
C PHE A 33 1.41 -4.57 5.64
N LYS A 34 1.34 -4.75 6.94
CA LYS A 34 0.26 -5.51 7.55
C LYS A 34 -0.92 -4.59 7.86
N CYS A 35 -2.02 -4.76 7.14
CA CYS A 35 -3.20 -3.93 7.39
C CYS A 35 -3.79 -4.29 8.74
N PRO A 36 -3.73 -3.38 9.72
CA PRO A 36 -4.16 -3.64 11.10
C PRO A 36 -5.67 -3.72 11.20
N ILE A 37 -6.34 -3.21 10.18
CA ILE A 37 -7.79 -3.13 10.16
C ILE A 37 -8.40 -4.47 9.78
N CYS A 38 -7.95 -5.03 8.66
CA CYS A 38 -8.52 -6.28 8.15
C CYS A 38 -7.58 -7.45 8.40
N LYS A 39 -6.41 -7.16 9.00
CA LYS A 39 -5.45 -8.18 9.42
C LYS A 39 -4.84 -8.94 8.25
N GLU A 40 -4.87 -8.35 7.06
CA GLU A 40 -4.27 -8.97 5.88
C GLU A 40 -2.96 -8.27 5.53
N THR A 41 -1.93 -9.05 5.23
CA THR A 41 -0.65 -8.52 4.81
C THR A 41 -0.75 -8.05 3.36
N VAL A 42 -0.39 -6.80 3.12
CA VAL A 42 -0.51 -6.20 1.80
C VAL A 42 0.82 -6.20 1.09
N THR A 43 0.88 -6.95 0.00
CA THR A 43 2.05 -6.97 -0.87
C THR A 43 1.74 -6.18 -2.13
N GLY A 44 2.77 -5.78 -2.87
CA GLY A 44 2.51 -5.01 -4.06
C GLY A 44 3.20 -5.61 -5.25
N VAL A 45 2.65 -5.34 -6.42
CA VAL A 45 3.09 -5.99 -7.63
C VAL A 45 3.77 -5.01 -8.54
N TYR A 46 4.78 -5.47 -9.24
CA TYR A 46 5.44 -4.67 -10.24
C TYR A 46 4.57 -4.61 -11.48
N ASP A 47 4.15 -3.42 -11.84
CA ASP A 47 3.27 -3.24 -12.98
C ASP A 47 4.12 -3.04 -14.21
N GLU A 48 4.34 -4.12 -14.94
CA GLU A 48 5.23 -4.12 -16.09
C GLU A 48 4.72 -3.20 -17.20
N GLU A 49 3.43 -2.93 -17.19
CA GLU A 49 2.82 -2.07 -18.19
C GLU A 49 3.33 -0.64 -18.05
N SER A 50 3.41 -0.17 -16.82
CA SER A 50 3.87 1.18 -16.54
C SER A 50 5.33 1.21 -16.08
N GLY A 51 5.81 0.05 -15.62
CA GLY A 51 7.18 -0.08 -15.17
C GLY A 51 7.40 0.44 -13.76
N GLU A 52 6.38 0.34 -12.91
CA GLU A 52 6.50 0.80 -11.54
C GLU A 52 5.81 -0.17 -10.59
N TRP A 53 6.23 -0.15 -9.32
CA TRP A 53 5.60 -0.98 -8.30
C TRP A 53 4.35 -0.28 -7.79
N VAL A 54 3.27 -1.02 -7.67
CA VAL A 54 1.99 -0.40 -7.32
C VAL A 54 1.35 -0.98 -6.05
N TRP A 55 0.89 -0.08 -5.19
CA TRP A 55 -0.07 -0.40 -4.15
C TRP A 55 -1.37 0.34 -4.46
N LYS A 56 -2.37 -0.37 -4.97
CA LYS A 56 -3.61 0.28 -5.37
C LYS A 56 -4.52 0.52 -4.18
N ASN A 57 -5.20 1.66 -4.20
CA ASN A 57 -6.09 2.08 -3.12
C ASN A 57 -5.32 2.09 -1.80
N THR A 58 -4.17 2.74 -1.82
CA THR A 58 -3.34 2.82 -0.63
C THR A 58 -3.04 4.28 -0.32
N ILE A 59 -3.02 4.61 0.96
CA ILE A 59 -2.78 5.97 1.41
C ILE A 59 -1.90 5.95 2.66
N GLU A 60 -1.02 6.93 2.78
CA GLU A 60 -0.18 7.06 3.95
C GLU A 60 -0.82 8.05 4.91
N VAL A 61 -1.14 7.58 6.10
CA VAL A 61 -1.78 8.42 7.10
C VAL A 61 -0.98 8.39 8.38
N ASN A 62 -0.49 9.57 8.80
CA ASN A 62 0.23 9.72 10.06
C ASN A 62 1.47 8.83 10.13
N GLY A 63 2.13 8.66 9.00
CA GLY A 63 3.37 7.91 8.96
C GLY A 63 3.18 6.42 8.77
N LYS A 64 1.95 5.99 8.55
CA LYS A 64 1.67 4.58 8.29
C LYS A 64 0.84 4.42 7.02
N TYR A 65 1.08 3.32 6.32
CA TYR A 65 0.37 3.03 5.08
C TYR A 65 -0.88 2.19 5.37
N PHE A 66 -1.98 2.59 4.76
CA PHE A 66 -3.23 1.85 4.87
C PHE A 66 -3.92 1.83 3.52
N HIS A 67 -4.84 0.88 3.35
CA HIS A 67 -5.72 0.91 2.20
C HIS A 67 -6.64 2.11 2.31
N SER A 68 -6.73 2.89 1.24
CA SER A 68 -7.57 4.08 1.22
C SER A 68 -9.03 3.69 1.44
N THR A 69 -9.39 2.49 0.98
CA THR A 69 -10.71 1.96 1.22
C THR A 69 -10.89 1.62 2.70
N CYS A 70 -9.81 1.16 3.32
CA CYS A 70 -9.82 0.71 4.71
C CYS A 70 -9.91 1.86 5.70
N TYR A 71 -9.37 3.02 5.34
CA TYR A 71 -9.38 4.16 6.23
C TYR A 71 -10.83 4.48 6.61
N HIS A 72 -11.73 4.28 5.65
CA HIS A 72 -13.16 4.47 5.89
C HIS A 72 -13.75 3.32 6.72
N GLU A 73 -13.35 2.08 6.43
CA GLU A 73 -13.92 0.92 7.12
C GLU A 73 -13.51 0.92 8.60
N THR A 74 -12.38 1.54 8.91
CA THR A 74 -11.90 1.59 10.29
C THR A 74 -12.46 2.79 11.05
ZN ZN B . -7.11 -3.53 4.55
N GLY A 19 -9.17 4.98 -6.74
CA GLY A 19 -8.40 3.94 -7.38
C GLY A 19 -6.94 4.30 -7.44
N LYS A 20 -6.58 5.33 -6.70
CA LYS A 20 -5.21 5.81 -6.64
C LYS A 20 -4.34 4.86 -5.84
N TYR A 21 -3.09 4.78 -6.26
CA TYR A 21 -2.13 3.87 -5.69
C TYR A 21 -0.91 4.63 -5.21
N VAL A 22 -0.13 4.00 -4.35
CA VAL A 22 1.11 4.59 -3.88
C VAL A 22 2.27 3.71 -4.32
N VAL A 23 3.29 4.33 -4.86
CA VAL A 23 4.47 3.62 -5.32
C VAL A 23 5.14 2.92 -4.15
N VAL A 24 5.48 1.64 -4.33
CA VAL A 24 6.04 0.83 -3.26
C VAL A 24 7.37 1.41 -2.78
N PRO A 25 7.43 1.74 -1.49
CA PRO A 25 8.64 2.22 -0.84
C PRO A 25 9.69 1.12 -0.69
N GLU A 26 10.95 1.48 -0.95
CA GLU A 26 12.06 0.54 -0.85
C GLU A 26 12.37 0.26 0.61
N THR A 27 12.22 1.28 1.44
CA THR A 27 12.56 1.19 2.85
C THR A 27 11.34 0.84 3.70
N SER A 28 11.05 -0.45 3.80
CA SER A 28 9.96 -0.92 4.65
C SER A 28 10.19 -2.38 5.01
N GLN A 29 9.49 -3.28 4.33
CA GLN A 29 9.72 -4.71 4.48
C GLN A 29 9.99 -5.34 3.12
N ASP A 30 9.39 -6.49 2.87
CA ASP A 30 9.53 -7.18 1.58
C ASP A 30 8.67 -6.50 0.51
N MET A 31 8.77 -5.17 0.44
CA MET A 31 7.89 -4.36 -0.42
C MET A 31 6.44 -4.58 -0.04
N ALA A 32 6.22 -4.90 1.24
CA ALA A 32 4.91 -5.24 1.73
C ALA A 32 4.71 -4.73 3.15
N PHE A 33 3.46 -4.65 3.58
CA PHE A 33 3.10 -4.31 4.95
C PHE A 33 1.79 -4.99 5.28
N LYS A 34 1.43 -5.11 6.54
CA LYS A 34 0.18 -5.74 6.87
C LYS A 34 -0.84 -4.69 7.32
N CYS A 35 -1.99 -4.70 6.67
CA CYS A 35 -3.07 -3.76 6.94
C CYS A 35 -3.67 -4.03 8.32
N PRO A 36 -3.46 -3.11 9.29
CA PRO A 36 -3.87 -3.32 10.68
C PRO A 36 -5.37 -3.29 10.91
N ILE A 37 -6.07 -2.54 10.07
CA ILE A 37 -7.50 -2.30 10.27
C ILE A 37 -8.32 -3.56 9.98
N CYS A 38 -7.87 -4.36 9.01
CA CYS A 38 -8.64 -5.53 8.60
C CYS A 38 -7.79 -6.81 8.56
N LYS A 39 -6.52 -6.71 8.98
CA LYS A 39 -5.62 -7.89 9.08
C LYS A 39 -5.20 -8.45 7.72
N GLU A 40 -5.11 -7.60 6.69
CA GLU A 40 -4.64 -8.07 5.38
C GLU A 40 -3.13 -7.94 5.27
N THR A 41 -2.46 -8.97 4.83
CA THR A 41 -1.08 -8.82 4.39
C THR A 41 -1.08 -8.15 3.00
N VAL A 42 -0.47 -6.97 2.91
CA VAL A 42 -0.54 -6.17 1.69
C VAL A 42 0.74 -6.32 0.87
N THR A 43 0.61 -6.86 -0.32
CA THR A 43 1.72 -7.00 -1.24
C THR A 43 1.54 -6.06 -2.43
N GLY A 44 2.61 -5.75 -3.15
CA GLY A 44 2.50 -4.85 -4.27
C GLY A 44 3.14 -5.41 -5.51
N VAL A 45 2.67 -4.95 -6.66
CA VAL A 45 3.07 -5.52 -7.93
C VAL A 45 3.71 -4.44 -8.80
N TYR A 46 4.66 -4.85 -9.63
CA TYR A 46 5.29 -3.93 -10.54
C TYR A 46 4.45 -3.76 -11.79
N ASP A 47 4.01 -2.54 -12.04
CA ASP A 47 3.23 -2.23 -13.22
C ASP A 47 4.14 -1.72 -14.33
N GLU A 48 4.25 -2.50 -15.40
CA GLU A 48 5.18 -2.20 -16.49
C GLU A 48 4.76 -0.96 -17.27
N GLU A 49 3.48 -0.62 -17.24
CA GLU A 49 2.97 0.50 -18.00
C GLU A 49 3.39 1.83 -17.35
N SER A 50 3.31 1.89 -16.04
CA SER A 50 3.74 3.06 -15.29
C SER A 50 5.24 2.99 -14.99
N GLY A 51 5.77 1.77 -14.95
CA GLY A 51 7.17 1.57 -14.69
C GLY A 51 7.52 1.67 -13.22
N GLU A 52 6.51 1.60 -12.37
CA GLU A 52 6.69 1.70 -10.93
C GLU A 52 5.98 0.57 -10.21
N TRP A 53 6.37 0.32 -8.97
CA TRP A 53 5.71 -0.67 -8.13
C TRP A 53 4.48 -0.05 -7.49
N VAL A 54 3.37 -0.76 -7.51
CA VAL A 54 2.11 -0.18 -7.10
C VAL A 54 1.55 -0.80 -5.81
N TRP A 55 1.12 0.05 -4.90
CA TRP A 55 0.21 -0.33 -3.83
C TRP A 55 -1.16 0.28 -4.12
N LYS A 56 -2.07 -0.53 -4.65
CA LYS A 56 -3.37 -0.04 -5.08
C LYS A 56 -4.29 0.23 -3.89
N ASN A 57 -5.12 1.26 -4.02
CA ASN A 57 -6.06 1.66 -2.97
C ASN A 57 -5.35 1.74 -1.63
N THR A 58 -4.25 2.47 -1.62
CA THR A 58 -3.44 2.61 -0.42
C THR A 58 -3.20 4.11 -0.14
N ILE A 59 -3.20 4.48 1.13
CA ILE A 59 -2.97 5.86 1.52
C ILE A 59 -2.08 5.90 2.76
N GLU A 60 -1.26 6.93 2.87
CA GLU A 60 -0.39 7.08 4.03
C GLU A 60 -0.96 8.13 4.98
N VAL A 61 -1.19 7.70 6.21
CA VAL A 61 -1.72 8.58 7.23
C VAL A 61 -0.93 8.36 8.51
N ASN A 62 -0.47 9.45 9.13
CA ASN A 62 0.27 9.40 10.39
C ASN A 62 1.55 8.56 10.22
N GLY A 63 2.13 8.61 9.04
CA GLY A 63 3.37 7.88 8.77
C GLY A 63 3.13 6.40 8.57
N LYS A 64 1.88 6.02 8.40
CA LYS A 64 1.53 4.62 8.23
C LYS A 64 0.70 4.43 6.98
N TYR A 65 0.98 3.36 6.26
CA TYR A 65 0.24 3.04 5.07
C TYR A 65 -0.97 2.16 5.42
N PHE A 66 -2.12 2.54 4.89
CA PHE A 66 -3.32 1.76 5.05
C PHE A 66 -4.03 1.67 3.71
N HIS A 67 -4.82 0.63 3.52
CA HIS A 67 -5.70 0.59 2.36
C HIS A 67 -6.68 1.75 2.47
N SER A 68 -6.76 2.52 1.39
CA SER A 68 -7.60 3.71 1.35
C SER A 68 -9.06 3.30 1.49
N THR A 69 -9.38 2.10 1.02
CA THR A 69 -10.71 1.55 1.18
C THR A 69 -11.02 1.27 2.65
N CYS A 70 -10.03 0.73 3.36
CA CYS A 70 -10.18 0.35 4.77
C CYS A 70 -10.16 1.57 5.67
N TYR A 71 -9.41 2.59 5.27
CA TYR A 71 -9.17 3.78 6.10
C TYR A 71 -10.47 4.47 6.50
N HIS A 72 -11.46 4.41 5.63
CA HIS A 72 -12.72 5.13 5.82
C HIS A 72 -13.43 4.76 7.11
N GLU A 73 -13.21 3.55 7.62
CA GLU A 73 -13.89 3.12 8.85
C GLU A 73 -13.48 4.01 10.03
N THR A 74 -12.27 4.53 9.98
CA THR A 74 -11.75 5.35 11.07
C THR A 74 -12.38 6.75 11.06
ZN ZN B . -7.02 -3.44 4.27
N GLY A 19 -8.59 6.03 -6.13
CA GLY A 19 -7.81 5.43 -7.20
C GLY A 19 -6.35 5.82 -7.19
N LYS A 20 -5.92 6.52 -6.14
CA LYS A 20 -4.52 6.89 -6.02
C LYS A 20 -3.70 5.73 -5.46
N TYR A 21 -2.48 5.58 -5.96
CA TYR A 21 -1.56 4.58 -5.46
C TYR A 21 -0.35 5.27 -4.87
N VAL A 22 0.39 4.56 -4.02
CA VAL A 22 1.61 5.10 -3.45
C VAL A 22 2.78 4.20 -3.84
N VAL A 23 3.91 4.80 -4.23
CA VAL A 23 5.07 4.03 -4.65
C VAL A 23 5.64 3.25 -3.48
N VAL A 24 5.94 1.97 -3.71
CA VAL A 24 6.44 1.09 -2.66
C VAL A 24 7.77 1.59 -2.11
N PRO A 25 7.81 1.86 -0.80
CA PRO A 25 9.02 2.33 -0.13
C PRO A 25 10.10 1.25 -0.04
N GLU A 26 11.33 1.64 -0.29
CA GLU A 26 12.46 0.73 -0.16
C GLU A 26 13.02 0.79 1.25
N THR A 27 12.42 1.65 2.07
CA THR A 27 12.78 1.76 3.47
C THR A 27 12.06 0.67 4.29
N SER A 28 12.01 -0.52 3.70
CA SER A 28 11.33 -1.66 4.27
C SER A 28 11.93 -2.92 3.65
N GLN A 29 12.10 -3.96 4.46
CA GLN A 29 12.67 -5.21 3.97
C GLN A 29 11.61 -6.00 3.20
N ASP A 30 10.35 -5.76 3.54
CA ASP A 30 9.24 -6.39 2.85
C ASP A 30 8.56 -5.36 1.95
N MET A 31 8.23 -5.77 0.74
CA MET A 31 7.54 -4.89 -0.21
C MET A 31 6.04 -4.93 0.04
N ALA A 32 5.67 -5.38 1.23
CA ALA A 32 4.27 -5.54 1.60
C ALA A 32 4.09 -5.20 3.08
N PHE A 33 2.91 -4.73 3.44
CA PHE A 33 2.61 -4.42 4.84
C PHE A 33 1.32 -5.10 5.25
N LYS A 34 1.23 -5.44 6.52
CA LYS A 34 0.04 -6.12 7.03
C LYS A 34 -0.98 -5.08 7.48
N CYS A 35 -2.11 -5.02 6.79
CA CYS A 35 -3.13 -4.01 7.06
C CYS A 35 -3.70 -4.18 8.47
N PRO A 36 -3.45 -3.19 9.34
CA PRO A 36 -3.86 -3.25 10.75
C PRO A 36 -5.38 -3.20 10.93
N ILE A 37 -6.06 -2.56 9.99
CA ILE A 37 -7.49 -2.34 10.09
C ILE A 37 -8.28 -3.64 9.90
N CYS A 38 -7.84 -4.48 8.98
CA CYS A 38 -8.58 -5.69 8.64
C CYS A 38 -7.72 -6.94 8.69
N LYS A 39 -6.45 -6.77 9.04
CA LYS A 39 -5.51 -7.90 9.21
C LYS A 39 -5.24 -8.60 7.89
N GLU A 40 -5.29 -7.84 6.80
CA GLU A 40 -5.02 -8.39 5.47
C GLU A 40 -3.65 -7.95 4.96
N THR A 41 -2.92 -8.89 4.40
CA THR A 41 -1.59 -8.62 3.86
C THR A 41 -1.69 -7.77 2.58
N VAL A 42 -1.12 -6.58 2.61
CA VAL A 42 -1.17 -5.69 1.46
C VAL A 42 0.09 -5.79 0.63
N THR A 43 -0.07 -6.26 -0.60
CA THR A 43 1.06 -6.40 -1.51
C THR A 43 0.99 -5.35 -2.61
N GLY A 44 2.14 -5.07 -3.23
CA GLY A 44 2.18 -4.13 -4.31
C GLY A 44 2.92 -4.68 -5.49
N VAL A 45 2.64 -4.16 -6.66
CA VAL A 45 3.18 -4.71 -7.89
C VAL A 45 4.07 -3.69 -8.59
N TYR A 46 5.09 -4.17 -9.26
CA TYR A 46 5.95 -3.29 -10.04
C TYR A 46 5.26 -2.94 -11.34
N ASP A 47 5.04 -1.66 -11.56
CA ASP A 47 4.39 -1.19 -12.77
C ASP A 47 5.40 -0.89 -13.84
N GLU A 48 5.36 -1.66 -14.91
CA GLU A 48 6.28 -1.51 -16.02
C GLU A 48 6.04 -0.19 -16.76
N GLU A 49 4.83 0.36 -16.63
CA GLU A 49 4.46 1.54 -17.37
C GLU A 49 5.10 2.79 -16.77
N SER A 50 5.00 2.95 -15.46
CA SER A 50 5.62 4.08 -14.78
C SER A 50 7.05 3.75 -14.40
N GLY A 51 7.33 2.47 -14.26
CA GLY A 51 8.65 2.03 -13.85
C GLY A 51 8.83 2.14 -12.35
N GLU A 52 7.73 2.14 -11.62
CA GLU A 52 7.77 2.25 -10.17
C GLU A 52 6.89 1.17 -9.53
N TRP A 53 7.14 0.88 -8.27
CA TRP A 53 6.33 -0.08 -7.53
C TRP A 53 5.08 0.60 -7.02
N VAL A 54 3.93 -0.06 -7.16
CA VAL A 54 2.67 0.55 -6.80
C VAL A 54 2.00 -0.12 -5.60
N TRP A 55 1.57 0.70 -4.65
CA TRP A 55 0.63 0.25 -3.63
C TRP A 55 -0.75 0.83 -3.94
N LYS A 56 -1.61 -0.02 -4.47
CA LYS A 56 -2.92 0.40 -4.92
C LYS A 56 -3.98 0.20 -3.83
N ASN A 57 -5.01 1.04 -3.87
CA ASN A 57 -6.03 1.10 -2.82
C ASN A 57 -5.34 1.32 -1.48
N THR A 58 -4.34 2.17 -1.49
CA THR A 58 -3.53 2.41 -0.32
C THR A 58 -3.43 3.91 -0.04
N ILE A 59 -3.48 4.28 1.23
CA ILE A 59 -3.36 5.66 1.66
C ILE A 59 -2.34 5.75 2.78
N GLU A 60 -1.58 6.82 2.81
CA GLU A 60 -0.60 7.02 3.87
C GLU A 60 -1.08 8.10 4.83
N VAL A 61 -1.24 7.70 6.08
CA VAL A 61 -1.70 8.60 7.13
C VAL A 61 -0.74 8.54 8.31
N ASN A 62 -0.16 9.70 8.64
CA ASN A 62 0.74 9.83 9.79
C ASN A 62 1.95 8.91 9.67
N GLY A 63 2.48 8.80 8.45
CA GLY A 63 3.68 8.02 8.23
C GLY A 63 3.40 6.53 8.16
N LYS A 64 2.12 6.19 8.10
CA LYS A 64 1.71 4.79 8.05
C LYS A 64 0.82 4.53 6.87
N TYR A 65 0.96 3.36 6.28
CA TYR A 65 0.19 2.99 5.11
C TYR A 65 -0.96 2.08 5.48
N PHE A 66 -2.12 2.37 4.93
CA PHE A 66 -3.32 1.57 5.14
C PHE A 66 -4.06 1.45 3.82
N HIS A 67 -4.91 0.44 3.68
CA HIS A 67 -5.83 0.42 2.56
C HIS A 67 -6.74 1.64 2.65
N SER A 68 -6.80 2.42 1.57
CA SER A 68 -7.63 3.60 1.54
C SER A 68 -9.10 3.22 1.62
N THR A 69 -9.40 2.03 1.11
CA THR A 69 -10.74 1.49 1.18
C THR A 69 -11.08 1.12 2.64
N CYS A 70 -10.08 0.71 3.40
CA CYS A 70 -10.22 0.32 4.79
C CYS A 70 -10.33 1.50 5.77
N TYR A 71 -9.70 2.62 5.41
CA TYR A 71 -9.43 3.70 6.36
C TYR A 71 -10.68 4.20 7.10
N HIS A 72 -11.81 4.24 6.43
CA HIS A 72 -13.04 4.76 7.02
C HIS A 72 -13.46 3.95 8.27
N GLU A 73 -13.05 2.69 8.34
CA GLU A 73 -13.36 1.83 9.48
C GLU A 73 -12.79 2.38 10.78
N THR A 74 -11.59 2.95 10.71
CA THR A 74 -10.92 3.47 11.89
C THR A 74 -11.27 4.95 12.12
ZN ZN B . -7.15 -3.59 4.51
N GLY A 19 -8.81 4.79 -6.71
CA GLY A 19 -8.07 3.70 -7.31
C GLY A 19 -6.63 4.07 -7.54
N LYS A 20 -6.22 5.22 -7.01
CA LYS A 20 -4.83 5.66 -7.12
C LYS A 20 -3.94 4.76 -6.27
N TYR A 21 -2.71 4.62 -6.70
CA TYR A 21 -1.78 3.73 -6.04
C TYR A 21 -0.64 4.52 -5.43
N VAL A 22 0.04 3.91 -4.49
CA VAL A 22 1.22 4.50 -3.88
C VAL A 22 2.41 3.61 -4.17
N VAL A 23 3.51 4.21 -4.58
CA VAL A 23 4.71 3.46 -4.94
C VAL A 23 5.23 2.70 -3.74
N VAL A 24 5.59 1.44 -3.94
CA VAL A 24 6.10 0.62 -2.86
C VAL A 24 7.38 1.23 -2.30
N PRO A 25 7.36 1.61 -1.02
CA PRO A 25 8.50 2.23 -0.35
C PRO A 25 9.74 1.37 -0.38
N GLU A 26 10.87 1.99 -0.67
CA GLU A 26 12.16 1.32 -0.62
C GLU A 26 12.62 1.23 0.82
N THR A 27 11.90 1.94 1.68
CA THR A 27 12.18 1.98 3.11
C THR A 27 11.26 1.04 3.87
N SER A 28 10.74 0.03 3.18
CA SER A 28 9.83 -0.92 3.80
C SER A 28 10.59 -2.15 4.27
N GLN A 29 9.88 -3.10 4.88
CA GLN A 29 10.51 -4.34 5.34
C GLN A 29 10.82 -5.25 4.15
N ASP A 30 9.76 -5.85 3.59
CA ASP A 30 9.92 -6.74 2.45
C ASP A 30 8.92 -6.37 1.36
N MET A 31 8.86 -5.08 1.03
CA MET A 31 7.97 -4.57 -0.01
C MET A 31 6.51 -4.80 0.35
N ALA A 32 6.25 -5.04 1.63
CA ALA A 32 4.91 -5.35 2.09
C ALA A 32 4.66 -4.79 3.50
N PHE A 33 3.38 -4.58 3.82
CA PHE A 33 2.97 -4.20 5.17
C PHE A 33 1.65 -4.92 5.47
N LYS A 34 1.34 -5.11 6.74
CA LYS A 34 0.09 -5.82 7.07
C LYS A 34 -1.00 -4.83 7.44
N CYS A 35 -2.14 -4.96 6.79
CA CYS A 35 -3.29 -4.09 7.05
C CYS A 35 -3.91 -4.42 8.40
N PRO A 36 -3.91 -3.46 9.32
CA PRO A 36 -4.36 -3.67 10.70
C PRO A 36 -5.88 -3.84 10.85
N ILE A 37 -6.65 -3.26 9.95
CA ILE A 37 -8.09 -3.23 10.11
C ILE A 37 -8.76 -4.54 9.65
N CYS A 38 -8.47 -4.96 8.43
CA CYS A 38 -9.07 -6.20 7.91
C CYS A 38 -8.05 -7.34 7.91
N LYS A 39 -6.84 -7.03 8.40
CA LYS A 39 -5.84 -8.03 8.76
C LYS A 39 -5.24 -8.77 7.55
N GLU A 40 -5.19 -8.12 6.40
CA GLU A 40 -4.56 -8.72 5.23
C GLU A 40 -3.16 -8.16 5.04
N THR A 41 -2.19 -9.02 4.81
CA THR A 41 -0.85 -8.60 4.47
C THR A 41 -0.84 -8.02 3.06
N VAL A 42 -0.50 -6.75 2.93
CA VAL A 42 -0.52 -6.07 1.66
C VAL A 42 0.82 -6.18 0.96
N THR A 43 0.81 -6.84 -0.18
CA THR A 43 1.98 -6.96 -1.02
C THR A 43 1.81 -6.08 -2.24
N GLY A 44 2.89 -5.72 -2.89
CA GLY A 44 2.78 -4.85 -4.04
C GLY A 44 3.53 -5.40 -5.22
N VAL A 45 3.09 -5.01 -6.40
CA VAL A 45 3.62 -5.54 -7.64
C VAL A 45 4.35 -4.43 -8.40
N TYR A 46 5.33 -4.82 -9.19
CA TYR A 46 6.05 -3.87 -10.01
C TYR A 46 5.29 -3.63 -11.31
N ASP A 47 4.95 -2.38 -11.56
CA ASP A 47 4.33 -2.02 -12.82
C ASP A 47 5.40 -1.63 -13.81
N GLU A 48 5.55 -2.46 -14.84
CA GLU A 48 6.68 -2.37 -15.74
C GLU A 48 6.63 -1.12 -16.62
N GLU A 49 5.43 -0.71 -17.02
CA GLU A 49 5.29 0.41 -17.94
C GLU A 49 5.53 1.74 -17.25
N SER A 50 5.12 1.85 -16.00
CA SER A 50 5.32 3.08 -15.25
C SER A 50 6.73 3.12 -14.67
N GLY A 51 7.30 1.94 -14.48
CA GLY A 51 8.67 1.85 -13.99
C GLY A 51 8.77 2.00 -12.49
N GLU A 52 7.66 1.79 -11.79
CA GLU A 52 7.63 1.91 -10.34
C GLU A 52 6.66 0.89 -9.73
N TRP A 53 6.91 0.53 -8.47
CA TRP A 53 6.10 -0.46 -7.77
C TRP A 53 4.78 0.15 -7.32
N VAL A 54 3.74 -0.67 -7.22
CA VAL A 54 2.40 -0.16 -6.94
C VAL A 54 1.75 -0.79 -5.70
N TRP A 55 1.20 0.07 -4.86
CA TRP A 55 0.25 -0.32 -3.80
C TRP A 55 -1.10 0.33 -4.10
N LYS A 56 -2.06 -0.43 -4.62
CA LYS A 56 -3.33 0.14 -5.02
C LYS A 56 -4.31 0.21 -3.85
N ASN A 57 -5.19 1.20 -3.89
CA ASN A 57 -6.14 1.48 -2.81
C ASN A 57 -5.40 1.65 -1.48
N THR A 58 -4.28 2.34 -1.55
CA THR A 58 -3.44 2.54 -0.37
C THR A 58 -3.31 4.04 -0.07
N ILE A 59 -3.30 4.38 1.21
CA ILE A 59 -3.18 5.76 1.64
C ILE A 59 -2.15 5.85 2.76
N GLU A 60 -1.44 6.98 2.83
CA GLU A 60 -0.46 7.17 3.89
C GLU A 60 -0.91 8.32 4.78
N VAL A 61 -1.13 8.00 6.05
CA VAL A 61 -1.61 8.98 7.01
C VAL A 61 -0.67 9.04 8.20
N ASN A 62 -0.08 10.21 8.44
CA ASN A 62 0.81 10.44 9.57
C ASN A 62 2.00 9.49 9.56
N GLY A 63 2.50 9.19 8.37
CA GLY A 63 3.70 8.38 8.25
C GLY A 63 3.41 6.89 8.26
N LYS A 64 2.14 6.52 8.21
CA LYS A 64 1.78 5.10 8.18
C LYS A 64 0.89 4.78 7.00
N TYR A 65 1.15 3.63 6.40
CA TYR A 65 0.42 3.19 5.23
C TYR A 65 -0.74 2.31 5.62
N PHE A 66 -1.89 2.59 5.04
CA PHE A 66 -3.10 1.80 5.26
C PHE A 66 -3.83 1.66 3.94
N HIS A 67 -4.70 0.67 3.84
CA HIS A 67 -5.62 0.63 2.72
C HIS A 67 -6.57 1.81 2.82
N SER A 68 -6.69 2.56 1.73
CA SER A 68 -7.54 3.74 1.70
C SER A 68 -8.99 3.33 1.93
N THR A 69 -9.33 2.13 1.48
CA THR A 69 -10.65 1.59 1.68
C THR A 69 -10.88 1.29 3.17
N CYS A 70 -9.82 0.86 3.85
CA CYS A 70 -9.91 0.53 5.27
C CYS A 70 -9.97 1.77 6.16
N TYR A 71 -9.31 2.85 5.74
CA TYR A 71 -9.29 4.06 6.55
C TYR A 71 -10.70 4.65 6.60
N HIS A 72 -11.40 4.54 5.48
CA HIS A 72 -12.79 4.93 5.40
C HIS A 72 -13.66 3.93 6.15
N GLU A 73 -13.22 2.66 6.15
CA GLU A 73 -13.89 1.57 6.88
C GLU A 73 -13.92 1.82 8.38
N THR A 74 -12.85 2.39 8.91
CA THR A 74 -12.70 2.54 10.35
C THR A 74 -13.31 3.86 10.87
ZN ZN B . -7.11 -3.71 4.21
N GLY A 19 -8.32 6.19 -6.29
CA GLY A 19 -7.58 5.65 -7.41
C GLY A 19 -6.11 6.01 -7.38
N LYS A 20 -5.69 6.68 -6.32
CA LYS A 20 -4.28 6.97 -6.13
C LYS A 20 -3.56 5.76 -5.57
N TYR A 21 -2.32 5.58 -6.01
CA TYR A 21 -1.49 4.47 -5.57
C TYR A 21 -0.26 5.03 -4.89
N VAL A 22 0.41 4.21 -4.10
CA VAL A 22 1.63 4.63 -3.43
C VAL A 22 2.78 3.76 -3.90
N VAL A 23 3.89 4.38 -4.23
CA VAL A 23 5.05 3.66 -4.74
C VAL A 23 5.67 2.78 -3.65
N VAL A 24 5.81 1.50 -3.96
CA VAL A 24 6.30 0.51 -2.99
C VAL A 24 7.72 0.84 -2.53
N PRO A 25 7.92 0.93 -1.21
CA PRO A 25 9.24 1.16 -0.62
C PRO A 25 10.16 -0.04 -0.85
N GLU A 26 11.41 0.23 -1.17
CA GLU A 26 12.37 -0.81 -1.50
C GLU A 26 12.91 -1.47 -0.23
N THR A 27 12.99 -0.69 0.85
CA THR A 27 13.47 -1.21 2.12
C THR A 27 12.32 -1.66 3.01
N SER A 28 11.25 -2.12 2.38
CA SER A 28 10.06 -2.55 3.10
C SER A 28 10.15 -4.05 3.40
N GLN A 29 11.38 -4.54 3.55
CA GLN A 29 11.66 -5.96 3.82
C GLN A 29 11.18 -6.84 2.68
N ASP A 30 9.90 -7.21 2.70
CA ASP A 30 9.34 -8.09 1.68
C ASP A 30 8.29 -7.36 0.84
N MET A 31 8.31 -6.03 0.95
CA MET A 31 7.45 -5.15 0.14
C MET A 31 5.98 -5.40 0.40
N ALA A 32 5.66 -5.93 1.56
CA ALA A 32 4.29 -6.20 1.94
C ALA A 32 4.10 -5.97 3.43
N PHE A 33 2.93 -5.49 3.80
CA PHE A 33 2.62 -5.25 5.20
C PHE A 33 1.21 -5.72 5.51
N LYS A 34 0.95 -6.05 6.76
CA LYS A 34 -0.37 -6.53 7.15
C LYS A 34 -1.26 -5.36 7.56
N CYS A 35 -2.42 -5.26 6.92
CA CYS A 35 -3.40 -4.25 7.25
C CYS A 35 -3.90 -4.47 8.67
N PRO A 36 -3.62 -3.53 9.59
CA PRO A 36 -3.91 -3.71 11.01
C PRO A 36 -5.40 -3.71 11.33
N ILE A 37 -6.21 -3.20 10.41
CA ILE A 37 -7.64 -3.07 10.64
C ILE A 37 -8.37 -4.39 10.38
N CYS A 38 -8.03 -5.07 9.28
CA CYS A 38 -8.75 -6.27 8.87
C CYS A 38 -7.81 -7.45 8.59
N LYS A 39 -6.51 -7.23 8.78
CA LYS A 39 -5.50 -8.30 8.66
C LYS A 39 -5.33 -8.83 7.23
N GLU A 40 -5.54 -7.96 6.25
CA GLU A 40 -5.19 -8.27 4.86
C GLU A 40 -3.69 -8.06 4.67
N THR A 41 -3.02 -8.97 4.01
CA THR A 41 -1.65 -8.72 3.63
C THR A 41 -1.63 -7.82 2.40
N VAL A 42 -1.05 -6.64 2.52
CA VAL A 42 -1.01 -5.69 1.43
C VAL A 42 0.24 -5.90 0.60
N THR A 43 0.05 -6.29 -0.65
CA THR A 43 1.15 -6.54 -1.56
C THR A 43 1.12 -5.53 -2.70
N GLY A 44 2.25 -5.32 -3.35
CA GLY A 44 2.29 -4.39 -4.46
C GLY A 44 2.95 -5.02 -5.66
N VAL A 45 2.61 -4.50 -6.82
CA VAL A 45 3.06 -5.09 -8.07
C VAL A 45 3.95 -4.09 -8.80
N TYR A 46 4.93 -4.60 -9.53
CA TYR A 46 5.73 -3.75 -10.38
C TYR A 46 5.01 -3.55 -11.69
N ASP A 47 4.68 -2.30 -11.99
CA ASP A 47 4.01 -1.98 -13.24
C ASP A 47 5.04 -1.55 -14.26
N GLU A 48 5.29 -2.41 -15.23
CA GLU A 48 6.36 -2.20 -16.20
C GLU A 48 6.04 -1.04 -17.14
N GLU A 49 4.77 -0.72 -17.29
CA GLU A 49 4.35 0.34 -18.21
C GLU A 49 4.63 1.72 -17.63
N SER A 50 4.50 1.84 -16.31
CA SER A 50 4.83 3.08 -15.62
C SER A 50 6.27 3.04 -15.11
N GLY A 51 6.78 1.82 -14.91
CA GLY A 51 8.16 1.62 -14.51
C GLY A 51 8.36 1.82 -13.02
N GLU A 52 7.32 1.59 -12.23
CA GLU A 52 7.40 1.74 -10.79
C GLU A 52 6.54 0.72 -10.05
N TRP A 53 6.83 0.53 -8.77
CA TRP A 53 6.05 -0.38 -7.93
C TRP A 53 4.82 0.33 -7.39
N VAL A 54 3.70 -0.36 -7.36
CA VAL A 54 2.45 0.26 -6.96
C VAL A 54 1.79 -0.41 -5.74
N TRP A 55 1.43 0.40 -4.76
CA TRP A 55 0.49 -0.01 -3.73
C TRP A 55 -0.85 0.65 -3.99
N LYS A 56 -1.77 -0.13 -4.52
CA LYS A 56 -3.08 0.38 -4.93
C LYS A 56 -4.12 0.21 -3.82
N ASN A 57 -5.13 1.07 -3.83
CA ASN A 57 -6.10 1.17 -2.74
C ASN A 57 -5.36 1.43 -1.44
N THR A 58 -4.35 2.28 -1.52
CA THR A 58 -3.46 2.52 -0.40
C THR A 58 -3.21 4.02 -0.24
N ILE A 59 -3.14 4.48 1.00
CA ILE A 59 -2.93 5.89 1.30
C ILE A 59 -2.01 6.01 2.52
N GLU A 60 -1.22 7.08 2.56
CA GLU A 60 -0.38 7.32 3.73
C GLU A 60 -1.08 8.26 4.69
N VAL A 61 -1.32 7.78 5.89
CA VAL A 61 -1.98 8.55 6.93
C VAL A 61 -1.12 8.54 8.18
N ASN A 62 -0.83 9.74 8.71
CA ASN A 62 -0.02 9.89 9.91
C ASN A 62 1.37 9.27 9.69
N GLY A 63 1.89 9.43 8.47
CA GLY A 63 3.21 8.93 8.15
C GLY A 63 3.26 7.43 8.01
N LYS A 64 2.09 6.79 7.95
CA LYS A 64 2.01 5.34 7.88
C LYS A 64 1.14 4.92 6.71
N TYR A 65 1.51 3.83 6.05
CA TYR A 65 0.77 3.34 4.90
C TYR A 65 -0.39 2.44 5.33
N PHE A 66 -1.58 2.78 4.89
CA PHE A 66 -2.78 2.02 5.20
C PHE A 66 -3.64 1.84 3.96
N HIS A 67 -4.53 0.87 3.96
CA HIS A 67 -5.50 0.73 2.89
C HIS A 67 -6.39 1.96 2.85
N SER A 68 -6.47 2.57 1.67
CA SER A 68 -7.30 3.75 1.47
C SER A 68 -8.77 3.39 1.63
N THR A 69 -9.10 2.16 1.26
CA THR A 69 -10.45 1.66 1.35
C THR A 69 -10.86 1.47 2.83
N CYS A 70 -9.88 1.08 3.65
CA CYS A 70 -10.11 0.79 5.06
C CYS A 70 -10.25 2.06 5.90
N TYR A 71 -9.59 3.13 5.47
CA TYR A 71 -9.50 4.37 6.25
C TYR A 71 -10.89 4.89 6.64
N HIS A 72 -11.87 4.65 5.78
CA HIS A 72 -13.24 5.10 6.03
C HIS A 72 -13.81 4.53 7.34
N GLU A 73 -13.33 3.36 7.76
CA GLU A 73 -13.89 2.70 8.94
C GLU A 73 -13.53 3.46 10.22
N THR A 74 -12.36 4.08 10.24
CA THR A 74 -11.88 4.76 11.43
C THR A 74 -12.38 6.21 11.46
ZN ZN B . -7.50 -3.61 4.88
N GLY A 19 -8.30 6.42 -6.26
CA GLY A 19 -7.68 5.69 -7.35
C GLY A 19 -6.18 5.89 -7.39
N LYS A 20 -5.67 6.62 -6.42
CA LYS A 20 -4.23 6.83 -6.33
C LYS A 20 -3.55 5.64 -5.70
N TYR A 21 -2.42 5.25 -6.28
CA TYR A 21 -1.61 4.17 -5.76
C TYR A 21 -0.34 4.77 -5.19
N VAL A 22 0.31 4.03 -4.33
CA VAL A 22 1.54 4.49 -3.72
C VAL A 22 2.67 3.57 -4.13
N VAL A 23 3.78 4.15 -4.55
CA VAL A 23 4.92 3.38 -4.99
C VAL A 23 5.51 2.64 -3.81
N VAL A 24 5.73 1.33 -3.97
CA VAL A 24 6.22 0.51 -2.89
C VAL A 24 7.56 1.03 -2.40
N PRO A 25 7.61 1.41 -1.12
CA PRO A 25 8.81 1.98 -0.51
C PRO A 25 9.99 1.02 -0.57
N GLU A 26 11.15 1.56 -0.93
CA GLU A 26 12.38 0.77 -1.01
C GLU A 26 12.93 0.51 0.38
N THR A 27 12.53 1.35 1.32
CA THR A 27 12.90 1.21 2.71
C THR A 27 11.88 0.35 3.46
N SER A 28 10.91 -0.16 2.72
CA SER A 28 9.93 -1.09 3.28
C SER A 28 10.35 -2.52 2.95
N GLN A 29 10.58 -3.31 3.98
CA GLN A 29 11.09 -4.66 3.82
C GLN A 29 10.04 -5.58 3.18
N ASP A 30 10.51 -6.40 2.25
CA ASP A 30 9.68 -7.42 1.59
C ASP A 30 8.62 -6.80 0.69
N MET A 31 8.69 -5.49 0.52
CA MET A 31 7.78 -4.74 -0.37
C MET A 31 6.32 -4.96 0.01
N ALA A 32 6.07 -5.23 1.28
CA ALA A 32 4.74 -5.52 1.75
C ALA A 32 4.52 -4.97 3.14
N PHE A 33 3.26 -4.72 3.49
CA PHE A 33 2.92 -4.30 4.85
C PHE A 33 1.64 -5.01 5.28
N LYS A 34 1.38 -4.98 6.58
CA LYS A 34 0.20 -5.65 7.11
C LYS A 34 -0.89 -4.62 7.42
N CYS A 35 -2.07 -4.82 6.86
CA CYS A 35 -3.19 -3.90 7.09
C CYS A 35 -3.84 -4.21 8.43
N PRO A 36 -3.74 -3.29 9.40
CA PRO A 36 -4.18 -3.53 10.78
C PRO A 36 -5.69 -3.60 10.95
N ILE A 37 -6.43 -2.88 10.08
CA ILE A 37 -7.88 -2.74 10.25
C ILE A 37 -8.61 -4.05 9.91
N CYS A 38 -8.13 -4.75 8.90
CA CYS A 38 -8.80 -5.94 8.41
C CYS A 38 -7.86 -7.13 8.34
N LYS A 39 -6.60 -6.90 8.74
CA LYS A 39 -5.59 -7.96 8.83
C LYS A 39 -5.19 -8.52 7.46
N GLU A 40 -5.32 -7.69 6.43
CA GLU A 40 -4.86 -8.08 5.10
C GLU A 40 -3.36 -7.92 4.99
N THR A 41 -2.70 -8.89 4.41
CA THR A 41 -1.29 -8.74 4.11
C THR A 41 -1.17 -8.09 2.73
N VAL A 42 -0.60 -6.90 2.68
CA VAL A 42 -0.61 -6.13 1.44
C VAL A 42 0.69 -6.29 0.70
N THR A 43 0.60 -6.88 -0.48
CA THR A 43 1.74 -7.02 -1.36
C THR A 43 1.56 -6.10 -2.57
N GLY A 44 2.63 -5.76 -3.25
CA GLY A 44 2.53 -4.87 -4.37
C GLY A 44 3.25 -5.39 -5.59
N VAL A 45 2.81 -4.94 -6.75
CA VAL A 45 3.35 -5.43 -8.01
C VAL A 45 4.11 -4.31 -8.70
N TYR A 46 5.08 -4.67 -9.52
CA TYR A 46 5.82 -3.69 -10.27
C TYR A 46 5.08 -3.35 -11.55
N ASP A 47 4.72 -2.08 -11.70
CA ASP A 47 4.03 -1.61 -12.90
C ASP A 47 5.06 -1.16 -13.91
N GLU A 48 5.35 -2.05 -14.84
CA GLU A 48 6.43 -1.86 -15.80
C GLU A 48 6.14 -0.69 -16.75
N GLU A 49 4.87 -0.34 -16.90
CA GLU A 49 4.50 0.74 -17.80
C GLU A 49 4.88 2.09 -17.20
N SER A 50 4.52 2.29 -15.93
CA SER A 50 4.87 3.52 -15.24
C SER A 50 6.28 3.45 -14.67
N GLY A 51 6.80 2.23 -14.52
CA GLY A 51 8.13 2.02 -14.01
C GLY A 51 8.19 2.12 -12.49
N GLU A 52 7.05 1.91 -11.85
CA GLU A 52 6.96 2.04 -10.40
C GLU A 52 6.29 0.83 -9.78
N TRP A 53 6.70 0.49 -8.58
CA TRP A 53 5.98 -0.49 -7.78
C TRP A 53 4.68 0.13 -7.30
N VAL A 54 3.63 -0.65 -7.22
CA VAL A 54 2.33 -0.08 -6.88
C VAL A 54 1.68 -0.72 -5.66
N TRP A 55 1.19 0.13 -4.77
CA TRP A 55 0.24 -0.26 -3.75
C TRP A 55 -1.11 0.38 -4.08
N LYS A 56 -2.05 -0.41 -4.60
CA LYS A 56 -3.34 0.12 -5.02
C LYS A 56 -4.30 0.23 -3.83
N ASN A 57 -5.23 1.19 -3.91
CA ASN A 57 -6.16 1.49 -2.82
C ASN A 57 -5.39 1.67 -1.52
N THR A 58 -4.30 2.41 -1.57
CA THR A 58 -3.45 2.59 -0.41
C THR A 58 -3.22 4.07 -0.13
N ILE A 59 -3.22 4.42 1.14
CA ILE A 59 -3.00 5.80 1.57
C ILE A 59 -2.03 5.81 2.74
N GLU A 60 -1.21 6.85 2.81
CA GLU A 60 -0.33 7.03 3.95
C GLU A 60 -0.94 8.06 4.89
N VAL A 61 -1.18 7.66 6.13
CA VAL A 61 -1.77 8.53 7.12
C VAL A 61 -0.87 8.61 8.34
N ASN A 62 -0.40 9.83 8.62
CA ASN A 62 0.46 10.09 9.77
C ASN A 62 1.72 9.23 9.72
N GLY A 63 2.25 9.05 8.52
CA GLY A 63 3.49 8.32 8.34
C GLY A 63 3.31 6.81 8.25
N LYS A 64 2.07 6.35 8.34
CA LYS A 64 1.80 4.92 8.28
C LYS A 64 0.93 4.57 7.07
N TYR A 65 1.12 3.38 6.53
CA TYR A 65 0.43 2.97 5.32
C TYR A 65 -0.79 2.13 5.66
N PHE A 66 -1.89 2.43 4.99
CA PHE A 66 -3.14 1.71 5.16
C PHE A 66 -3.85 1.60 3.83
N HIS A 67 -4.70 0.59 3.67
CA HIS A 67 -5.63 0.59 2.54
C HIS A 67 -6.58 1.77 2.72
N SER A 68 -6.69 2.60 1.70
CA SER A 68 -7.56 3.77 1.76
C SER A 68 -9.01 3.33 1.85
N THR A 69 -9.30 2.20 1.24
CA THR A 69 -10.61 1.58 1.34
C THR A 69 -10.91 1.21 2.80
N CYS A 70 -9.91 0.66 3.48
CA CYS A 70 -10.05 0.26 4.87
C CYS A 70 -10.04 1.47 5.80
N TYR A 71 -9.33 2.53 5.40
CA TYR A 71 -9.31 3.77 6.18
C TYR A 71 -10.72 4.32 6.34
N HIS A 72 -11.51 4.17 5.29
CA HIS A 72 -12.92 4.59 5.31
C HIS A 72 -13.74 3.65 6.21
N GLU A 73 -13.31 2.40 6.31
CA GLU A 73 -13.96 1.40 7.15
C GLU A 73 -13.93 1.81 8.62
N THR A 74 -12.82 2.41 9.05
CA THR A 74 -12.66 2.83 10.43
C THR A 74 -13.18 4.25 10.65
ZN ZN B . -7.04 -3.57 4.25
N GLY A 19 -9.06 4.97 -6.86
CA GLY A 19 -8.33 3.84 -7.41
C GLY A 19 -6.86 4.14 -7.53
N LYS A 20 -6.43 5.23 -6.90
CA LYS A 20 -5.03 5.63 -6.91
C LYS A 20 -4.16 4.59 -6.21
N TYR A 21 -2.93 4.48 -6.66
CA TYR A 21 -1.98 3.56 -6.07
C TYR A 21 -0.75 4.32 -5.60
N VAL A 22 -0.01 3.72 -4.71
CA VAL A 22 1.22 4.31 -4.21
C VAL A 22 2.38 3.39 -4.58
N VAL A 23 3.43 3.98 -5.11
CA VAL A 23 4.59 3.22 -5.55
C VAL A 23 5.30 2.62 -4.35
N VAL A 24 5.64 1.34 -4.48
CA VAL A 24 6.25 0.61 -3.37
C VAL A 24 7.55 1.25 -2.92
N PRO A 25 7.61 1.63 -1.63
CA PRO A 25 8.79 2.25 -1.02
C PRO A 25 10.03 1.37 -1.12
N GLU A 26 11.18 2.02 -1.32
CA GLU A 26 12.47 1.33 -1.45
C GLU A 26 12.82 0.58 -0.17
N THR A 27 12.50 1.19 0.97
CA THR A 27 12.84 0.63 2.26
C THR A 27 11.68 -0.16 2.87
N SER A 28 11.03 -0.98 2.06
CA SER A 28 9.93 -1.80 2.53
C SER A 28 10.35 -3.25 2.64
N GLN A 29 10.18 -3.82 3.84
CA GLN A 29 10.53 -5.22 4.06
C GLN A 29 9.61 -6.13 3.25
N ASP A 30 10.19 -6.80 2.26
CA ASP A 30 9.45 -7.69 1.35
C ASP A 30 8.49 -6.89 0.47
N MET A 31 8.66 -5.57 0.45
CA MET A 31 7.82 -4.67 -0.35
C MET A 31 6.35 -4.84 0.00
N ALA A 32 6.08 -5.05 1.28
CA ALA A 32 4.72 -5.27 1.75
C ALA A 32 4.49 -4.65 3.13
N PHE A 33 3.24 -4.46 3.50
CA PHE A 33 2.90 -4.01 4.84
C PHE A 33 1.61 -4.69 5.27
N LYS A 34 1.43 -4.86 6.57
CA LYS A 34 0.20 -5.46 7.07
C LYS A 34 -0.86 -4.38 7.30
N CYS A 35 -2.04 -4.57 6.72
CA CYS A 35 -3.15 -3.67 6.98
C CYS A 35 -3.79 -4.02 8.31
N PRO A 36 -3.69 -3.12 9.29
CA PRO A 36 -4.14 -3.38 10.67
C PRO A 36 -5.64 -3.63 10.80
N ILE A 37 -6.43 -2.92 10.00
CA ILE A 37 -7.88 -2.96 10.13
C ILE A 37 -8.47 -4.29 9.64
N CYS A 38 -7.91 -4.85 8.57
CA CYS A 38 -8.47 -6.07 7.99
C CYS A 38 -7.50 -7.25 8.14
N LYS A 39 -6.35 -7.01 8.78
CA LYS A 39 -5.39 -8.06 9.11
C LYS A 39 -4.75 -8.73 7.89
N GLU A 40 -4.94 -8.15 6.71
CA GLU A 40 -4.36 -8.71 5.51
C GLU A 40 -3.11 -7.95 5.11
N THR A 41 -2.07 -8.71 4.77
CA THR A 41 -0.82 -8.13 4.32
C THR A 41 -0.98 -7.60 2.90
N VAL A 42 -0.58 -6.36 2.70
CA VAL A 42 -0.64 -5.74 1.39
C VAL A 42 0.70 -5.87 0.70
N THR A 43 0.71 -6.62 -0.38
CA THR A 43 1.90 -6.79 -1.18
C THR A 43 1.77 -5.99 -2.47
N GLY A 44 2.87 -5.70 -3.12
CA GLY A 44 2.80 -4.92 -4.33
C GLY A 44 3.53 -5.56 -5.48
N VAL A 45 3.10 -5.23 -6.67
CA VAL A 45 3.59 -5.87 -7.88
C VAL A 45 4.15 -4.81 -8.82
N TYR A 46 5.15 -5.17 -9.58
CA TYR A 46 5.68 -4.26 -10.56
C TYR A 46 4.80 -4.27 -11.80
N ASP A 47 4.20 -3.13 -12.12
CA ASP A 47 3.35 -3.03 -13.29
C ASP A 47 4.15 -2.56 -14.48
N GLU A 48 4.26 -3.42 -15.47
CA GLU A 48 5.09 -3.18 -16.63
C GLU A 48 4.54 -2.06 -17.52
N GLU A 49 3.25 -1.81 -17.40
CA GLU A 49 2.59 -0.78 -18.21
C GLU A 49 2.89 0.62 -17.70
N SER A 50 2.73 0.82 -16.40
CA SER A 50 3.00 2.11 -15.78
C SER A 50 4.47 2.24 -15.41
N GLY A 51 5.15 1.10 -15.28
CA GLY A 51 6.57 1.11 -14.96
C GLY A 51 6.84 1.32 -13.48
N GLU A 52 5.82 1.14 -12.66
CA GLU A 52 5.94 1.39 -11.22
C GLU A 52 5.61 0.14 -10.41
N TRP A 53 6.19 0.03 -9.22
CA TRP A 53 5.72 -0.94 -8.24
C TRP A 53 4.48 -0.37 -7.61
N VAL A 54 3.42 -1.14 -7.54
CA VAL A 54 2.14 -0.59 -7.15
C VAL A 54 1.60 -1.15 -5.82
N TRP A 55 1.12 -0.23 -4.98
CA TRP A 55 0.24 -0.54 -3.86
C TRP A 55 -1.12 0.08 -4.13
N LYS A 56 -2.10 -0.73 -4.54
CA LYS A 56 -3.39 -0.22 -4.97
C LYS A 56 -4.33 0.01 -3.80
N ASN A 57 -5.15 1.06 -3.92
CA ASN A 57 -6.07 1.49 -2.87
C ASN A 57 -5.33 1.69 -1.56
N THR A 58 -4.17 2.32 -1.64
CA THR A 58 -3.34 2.52 -0.46
C THR A 58 -3.20 4.00 -0.13
N ILE A 59 -3.19 4.30 1.14
CA ILE A 59 -3.07 5.66 1.63
C ILE A 59 -2.10 5.71 2.81
N GLU A 60 -1.42 6.81 2.98
CA GLU A 60 -0.53 6.99 4.11
C GLU A 60 -1.11 8.03 5.05
N VAL A 61 -1.31 7.63 6.29
CA VAL A 61 -1.83 8.52 7.31
C VAL A 61 -0.92 8.54 8.53
N ASN A 62 -0.37 9.72 8.81
CA ASN A 62 0.49 9.93 9.97
C ASN A 62 1.71 9.00 9.93
N GLY A 63 2.27 8.83 8.74
CA GLY A 63 3.48 8.04 8.60
C GLY A 63 3.19 6.55 8.58
N LYS A 64 1.93 6.20 8.41
CA LYS A 64 1.53 4.80 8.40
C LYS A 64 0.70 4.49 7.16
N TYR A 65 0.93 3.33 6.58
CA TYR A 65 0.26 2.94 5.37
C TYR A 65 -0.97 2.08 5.67
N PHE A 66 -2.06 2.41 4.99
CA PHE A 66 -3.31 1.67 5.12
C PHE A 66 -3.96 1.59 3.75
N HIS A 67 -4.94 0.71 3.60
CA HIS A 67 -5.80 0.79 2.43
C HIS A 67 -6.66 2.04 2.54
N SER A 68 -6.69 2.83 1.47
CA SER A 68 -7.48 4.06 1.44
C SER A 68 -8.95 3.73 1.62
N THR A 69 -9.32 2.54 1.18
CA THR A 69 -10.66 2.02 1.36
C THR A 69 -10.94 1.75 2.85
N CYS A 70 -9.91 1.33 3.57
CA CYS A 70 -10.04 1.01 4.99
C CYS A 70 -10.17 2.26 5.87
N TYR A 71 -9.54 3.36 5.46
CA TYR A 71 -9.58 4.59 6.26
C TYR A 71 -11.01 5.08 6.39
N HIS A 72 -11.78 4.89 5.32
CA HIS A 72 -13.19 5.22 5.32
C HIS A 72 -13.97 4.31 6.29
N GLU A 73 -13.52 3.05 6.39
CA GLU A 73 -14.15 2.06 7.27
C GLU A 73 -14.01 2.47 8.74
N THR A 74 -12.86 3.06 9.08
CA THR A 74 -12.61 3.47 10.46
C THR A 74 -13.16 4.87 10.71
ZN ZN B . -7.12 -3.27 4.40
N GLY A 19 -8.26 5.99 -6.85
CA GLY A 19 -7.41 5.04 -7.55
C GLY A 19 -5.94 5.41 -7.44
N LYS A 20 -5.65 6.37 -6.57
CA LYS A 20 -4.28 6.77 -6.31
C LYS A 20 -3.52 5.62 -5.67
N TYR A 21 -2.33 5.35 -6.19
CA TYR A 21 -1.47 4.33 -5.65
C TYR A 21 -0.25 4.96 -5.01
N VAL A 22 0.42 4.21 -4.15
CA VAL A 22 1.64 4.67 -3.53
C VAL A 22 2.79 3.75 -3.93
N VAL A 23 3.90 4.34 -4.33
CA VAL A 23 5.07 3.57 -4.76
C VAL A 23 5.58 2.72 -3.61
N VAL A 24 5.70 1.41 -3.86
CA VAL A 24 6.06 0.45 -2.83
C VAL A 24 7.41 0.78 -2.20
N PRO A 25 7.41 1.01 -0.89
CA PRO A 25 8.63 1.25 -0.14
C PRO A 25 9.46 -0.02 0.04
N GLU A 26 10.76 0.10 -0.15
CA GLU A 26 11.68 -1.02 -0.01
C GLU A 26 11.92 -1.31 1.47
N THR A 27 11.55 -0.36 2.31
CA THR A 27 11.76 -0.46 3.74
C THR A 27 10.63 -1.23 4.42
N SER A 28 9.54 -1.45 3.70
CA SER A 28 8.38 -2.13 4.27
C SER A 28 8.56 -3.65 4.26
N GLN A 29 9.35 -4.15 5.22
CA GLN A 29 9.58 -5.58 5.42
C GLN A 29 10.13 -6.25 4.16
N ASP A 30 9.22 -6.72 3.32
CA ASP A 30 9.57 -7.32 2.03
C ASP A 30 8.61 -6.81 0.96
N MET A 31 8.62 -5.50 0.75
CA MET A 31 7.73 -4.83 -0.21
C MET A 31 6.27 -5.02 0.18
N ALA A 32 6.02 -5.27 1.46
CA ALA A 32 4.68 -5.61 1.94
C ALA A 32 4.43 -5.02 3.32
N PHE A 33 3.17 -4.70 3.59
CA PHE A 33 2.76 -4.26 4.93
C PHE A 33 1.49 -5.01 5.31
N LYS A 34 1.15 -5.01 6.59
CA LYS A 34 -0.04 -5.71 7.03
C LYS A 34 -1.12 -4.73 7.49
N CYS A 35 -2.31 -4.90 6.94
CA CYS A 35 -3.44 -4.04 7.25
C CYS A 35 -3.98 -4.37 8.65
N PRO A 36 -3.86 -3.45 9.60
CA PRO A 36 -4.25 -3.68 11.00
C PRO A 36 -5.76 -3.73 11.21
N ILE A 37 -6.50 -3.16 10.27
CA ILE A 37 -7.93 -3.00 10.42
C ILE A 37 -8.70 -4.29 10.07
N CYS A 38 -8.23 -4.98 9.05
CA CYS A 38 -8.89 -6.21 8.62
C CYS A 38 -7.90 -7.38 8.49
N LYS A 39 -6.65 -7.14 8.90
CA LYS A 39 -5.64 -8.20 9.10
C LYS A 39 -5.11 -8.81 7.78
N GLU A 40 -5.05 -8.03 6.72
CA GLU A 40 -4.52 -8.53 5.44
C GLU A 40 -3.02 -8.23 5.31
N THR A 41 -2.26 -9.20 4.85
CA THR A 41 -0.89 -8.94 4.42
C THR A 41 -0.93 -8.41 2.98
N VAL A 42 -0.47 -7.18 2.79
CA VAL A 42 -0.62 -6.49 1.51
C VAL A 42 0.68 -6.48 0.72
N THR A 43 0.60 -7.00 -0.49
CA THR A 43 1.74 -7.04 -1.41
C THR A 43 1.52 -6.04 -2.56
N GLY A 44 2.59 -5.66 -3.24
CA GLY A 44 2.47 -4.69 -4.31
C GLY A 44 3.16 -5.16 -5.57
N VAL A 45 2.72 -4.63 -6.69
CA VAL A 45 3.18 -5.08 -8.00
C VAL A 45 4.01 -3.99 -8.67
N TYR A 46 4.96 -4.40 -9.49
CA TYR A 46 5.81 -3.47 -10.22
C TYR A 46 5.15 -3.03 -11.53
N ASP A 47 4.97 -1.73 -11.69
CA ASP A 47 4.47 -1.19 -12.95
C ASP A 47 5.65 -0.84 -13.86
N GLU A 48 5.84 -1.64 -14.89
CA GLU A 48 7.01 -1.52 -15.76
C GLU A 48 6.99 -0.24 -16.59
N GLU A 49 5.80 0.30 -16.85
CA GLU A 49 5.67 1.51 -17.67
C GLU A 49 6.21 2.72 -16.93
N SER A 50 5.80 2.88 -15.68
CA SER A 50 6.24 4.01 -14.87
C SER A 50 7.59 3.72 -14.23
N GLY A 51 7.90 2.43 -14.09
CA GLY A 51 9.13 2.02 -13.44
C GLY A 51 9.00 2.11 -11.93
N GLU A 52 7.76 2.14 -11.46
CA GLU A 52 7.48 2.31 -10.05
C GLU A 52 6.62 1.16 -9.52
N TRP A 53 6.95 0.68 -8.33
CA TRP A 53 6.14 -0.31 -7.65
C TRP A 53 4.85 0.35 -7.17
N VAL A 54 3.74 -0.36 -7.27
CA VAL A 54 2.44 0.25 -6.96
C VAL A 54 1.71 -0.45 -5.81
N TRP A 55 1.19 0.35 -4.90
CA TRP A 55 0.20 -0.09 -3.91
C TRP A 55 -1.14 0.57 -4.22
N LYS A 56 -2.06 -0.20 -4.78
CA LYS A 56 -3.34 0.35 -5.23
C LYS A 56 -4.32 0.43 -4.05
N ASN A 57 -5.20 1.43 -4.10
CA ASN A 57 -6.13 1.75 -3.00
C ASN A 57 -5.38 1.78 -1.67
N THR A 58 -4.21 2.38 -1.69
CA THR A 58 -3.40 2.50 -0.50
C THR A 58 -3.16 3.97 -0.18
N ILE A 59 -3.19 4.32 1.09
CA ILE A 59 -3.01 5.69 1.52
C ILE A 59 -2.05 5.75 2.71
N GLU A 60 -1.27 6.81 2.78
CA GLU A 60 -0.39 7.01 3.92
C GLU A 60 -1.01 8.09 4.82
N VAL A 61 -1.25 7.72 6.06
CA VAL A 61 -1.84 8.62 7.04
C VAL A 61 -0.96 8.69 8.27
N ASN A 62 -0.45 9.88 8.56
CA ASN A 62 0.38 10.13 9.75
C ASN A 62 1.63 9.25 9.71
N GLY A 63 2.16 9.04 8.52
CA GLY A 63 3.39 8.29 8.38
C GLY A 63 3.17 6.80 8.28
N LYS A 64 1.92 6.37 8.21
CA LYS A 64 1.61 4.96 8.14
C LYS A 64 0.84 4.61 6.88
N TYR A 65 1.19 3.48 6.27
CA TYR A 65 0.54 3.03 5.05
C TYR A 65 -0.60 2.08 5.37
N PHE A 66 -1.78 2.41 4.87
CA PHE A 66 -2.95 1.57 5.04
C PHE A 66 -3.73 1.52 3.74
N HIS A 67 -4.64 0.57 3.60
CA HIS A 67 -5.58 0.59 2.50
C HIS A 67 -6.44 1.85 2.61
N SER A 68 -6.53 2.57 1.51
CA SER A 68 -7.34 3.80 1.46
C SER A 68 -8.80 3.44 1.67
N THR A 69 -9.16 2.25 1.24
CA THR A 69 -10.50 1.73 1.44
C THR A 69 -10.80 1.59 2.95
N CYS A 70 -9.78 1.17 3.69
CA CYS A 70 -9.91 0.89 5.12
C CYS A 70 -10.00 2.15 5.97
N TYR A 71 -9.42 3.25 5.50
CA TYR A 71 -9.35 4.46 6.28
C TYR A 71 -10.75 4.92 6.70
N HIS A 72 -11.73 4.71 5.83
CA HIS A 72 -13.10 5.12 6.10
C HIS A 72 -13.76 4.20 7.14
N GLU A 73 -13.48 2.90 7.05
CA GLU A 73 -14.10 1.94 7.96
C GLU A 73 -13.55 2.08 9.37
N THR A 74 -12.27 2.40 9.49
CA THR A 74 -11.62 2.48 10.79
C THR A 74 -11.90 3.81 11.49
ZN ZN B . -7.45 -3.68 4.61
N GLY A 19 -8.91 5.34 -6.74
CA GLY A 19 -8.07 4.47 -7.55
C GLY A 19 -6.62 4.93 -7.59
N LYS A 20 -6.26 5.87 -6.74
CA LYS A 20 -4.88 6.31 -6.65
C LYS A 20 -4.02 5.26 -5.96
N TYR A 21 -2.87 4.99 -6.53
CA TYR A 21 -1.94 4.03 -5.98
C TYR A 21 -0.70 4.73 -5.47
N VAL A 22 0.03 4.07 -4.59
CA VAL A 22 1.28 4.60 -4.10
C VAL A 22 2.40 3.65 -4.51
N VAL A 23 3.46 4.21 -5.06
CA VAL A 23 4.60 3.41 -5.48
C VAL A 23 5.24 2.74 -4.30
N VAL A 24 5.56 1.45 -4.45
CA VAL A 24 6.16 0.67 -3.38
C VAL A 24 7.47 1.30 -2.95
N PRO A 25 7.57 1.65 -1.66
CA PRO A 25 8.73 2.33 -1.10
C PRO A 25 10.03 1.56 -1.35
N GLU A 26 11.07 2.29 -1.76
CA GLU A 26 12.36 1.69 -2.05
C GLU A 26 13.15 1.48 -0.78
N THR A 27 12.61 1.99 0.32
CA THR A 27 13.24 1.87 1.62
C THR A 27 12.90 0.53 2.26
N SER A 28 12.01 -0.22 1.61
CA SER A 28 11.59 -1.51 2.13
C SER A 28 12.16 -2.63 1.26
N GLN A 29 12.53 -3.73 1.91
CA GLN A 29 13.03 -4.90 1.20
C GLN A 29 11.93 -5.94 1.06
N ASP A 30 10.74 -5.57 1.49
CA ASP A 30 9.57 -6.43 1.36
C ASP A 30 8.41 -5.62 0.81
N MET A 31 7.90 -6.03 -0.34
CA MET A 31 6.85 -5.28 -1.04
C MET A 31 5.49 -5.50 -0.39
N ALA A 32 5.47 -5.59 0.94
CA ALA A 32 4.25 -5.87 1.66
C ALA A 32 4.21 -5.14 2.99
N PHE A 33 3.01 -4.72 3.39
CA PHE A 33 2.78 -4.20 4.72
C PHE A 33 1.48 -4.81 5.24
N LYS A 34 1.37 -5.01 6.53
CA LYS A 34 0.19 -5.67 7.07
C LYS A 34 -0.87 -4.66 7.47
N CYS A 35 -2.02 -4.76 6.85
CA CYS A 35 -3.14 -3.86 7.10
C CYS A 35 -3.84 -4.21 8.41
N PRO A 36 -3.76 -3.30 9.40
CA PRO A 36 -4.34 -3.52 10.74
C PRO A 36 -5.87 -3.49 10.75
N ILE A 37 -6.48 -2.84 9.75
CA ILE A 37 -7.91 -2.65 9.73
C ILE A 37 -8.66 -3.96 9.43
N CYS A 38 -8.11 -4.78 8.56
CA CYS A 38 -8.73 -6.07 8.24
C CYS A 38 -7.77 -7.22 8.48
N LYS A 39 -6.57 -6.89 8.95
CA LYS A 39 -5.58 -7.88 9.39
C LYS A 39 -4.98 -8.71 8.25
N GLU A 40 -5.11 -8.24 7.01
CA GLU A 40 -4.53 -8.97 5.89
C GLU A 40 -3.31 -8.26 5.33
N THR A 41 -2.28 -9.05 5.06
CA THR A 41 -1.02 -8.55 4.55
C THR A 41 -1.19 -8.01 3.13
N VAL A 42 -0.77 -6.76 2.93
CA VAL A 42 -0.91 -6.09 1.65
C VAL A 42 0.36 -6.23 0.83
N THR A 43 0.25 -6.88 -0.31
CA THR A 43 1.36 -7.00 -1.23
C THR A 43 1.13 -6.14 -2.46
N GLY A 44 2.20 -5.79 -3.17
CA GLY A 44 2.06 -4.94 -4.33
C GLY A 44 2.75 -5.51 -5.53
N VAL A 45 2.31 -5.09 -6.71
CA VAL A 45 2.78 -5.68 -7.95
C VAL A 45 3.57 -4.63 -8.74
N TYR A 46 4.53 -5.09 -9.51
CA TYR A 46 5.27 -4.23 -10.40
C TYR A 46 4.46 -4.01 -11.67
N ASP A 47 4.20 -2.76 -12.00
CA ASP A 47 3.51 -2.44 -13.23
C ASP A 47 4.55 -2.23 -14.32
N GLU A 48 4.67 -3.21 -15.19
CA GLU A 48 5.74 -3.27 -16.17
C GLU A 48 5.63 -2.15 -17.20
N GLU A 49 4.41 -1.67 -17.44
CA GLU A 49 4.18 -0.61 -18.40
C GLU A 49 4.62 0.74 -17.87
N SER A 50 4.25 1.06 -16.64
CA SER A 50 4.62 2.34 -16.05
C SER A 50 6.03 2.30 -15.47
N GLY A 51 6.49 1.09 -15.17
CA GLY A 51 7.84 0.91 -14.64
C GLY A 51 7.93 1.19 -13.17
N GLU A 52 6.79 1.14 -12.48
CA GLU A 52 6.74 1.42 -11.05
C GLU A 52 5.99 0.31 -10.32
N TRP A 53 6.40 0.06 -9.08
CA TRP A 53 5.69 -0.88 -8.22
C TRP A 53 4.47 -0.20 -7.63
N VAL A 54 3.34 -0.89 -7.64
CA VAL A 54 2.09 -0.25 -7.25
C VAL A 54 1.51 -0.83 -5.95
N TRP A 55 1.18 0.07 -5.05
CA TRP A 55 0.31 -0.24 -3.92
C TRP A 55 -1.02 0.48 -4.15
N LYS A 56 -2.02 -0.27 -4.59
CA LYS A 56 -3.29 0.33 -4.97
C LYS A 56 -4.26 0.30 -3.80
N ASN A 57 -5.18 1.27 -3.77
CA ASN A 57 -6.08 1.45 -2.63
C ASN A 57 -5.27 1.63 -1.36
N THR A 58 -4.21 2.41 -1.46
CA THR A 58 -3.31 2.64 -0.35
C THR A 58 -3.17 4.14 -0.07
N ILE A 59 -3.11 4.50 1.19
CA ILE A 59 -2.93 5.89 1.60
C ILE A 59 -1.98 5.97 2.78
N GLU A 60 -1.21 7.05 2.85
CA GLU A 60 -0.32 7.27 3.97
C GLU A 60 -0.96 8.25 4.95
N VAL A 61 -1.18 7.77 6.16
CA VAL A 61 -1.76 8.59 7.22
C VAL A 61 -0.92 8.45 8.48
N ASN A 62 -0.52 9.60 9.04
CA ASN A 62 0.27 9.65 10.26
C ASN A 62 1.60 8.88 10.07
N GLY A 63 2.12 8.93 8.84
CA GLY A 63 3.41 8.34 8.55
C GLY A 63 3.33 6.85 8.23
N LYS A 64 2.12 6.30 8.24
CA LYS A 64 1.92 4.88 7.98
C LYS A 64 1.01 4.65 6.80
N TYR A 65 1.27 3.55 6.09
CA TYR A 65 0.48 3.19 4.92
C TYR A 65 -0.65 2.25 5.32
N PHE A 66 -1.83 2.56 4.84
CA PHE A 66 -3.02 1.74 5.07
C PHE A 66 -3.79 1.62 3.77
N HIS A 67 -4.70 0.65 3.67
CA HIS A 67 -5.64 0.66 2.58
C HIS A 67 -6.56 1.85 2.78
N SER A 68 -6.65 2.70 1.77
CA SER A 68 -7.54 3.85 1.81
C SER A 68 -8.98 3.38 1.81
N THR A 69 -9.21 2.24 1.17
CA THR A 69 -10.51 1.60 1.15
C THR A 69 -10.91 1.17 2.57
N CYS A 70 -9.93 0.70 3.34
CA CYS A 70 -10.15 0.30 4.72
C CYS A 70 -10.29 1.54 5.62
N TYR A 71 -9.62 2.61 5.22
CA TYR A 71 -9.54 3.85 6.02
C TYR A 71 -10.92 4.38 6.35
N HIS A 72 -11.86 4.21 5.44
CA HIS A 72 -13.20 4.75 5.61
C HIS A 72 -13.91 4.19 6.84
N GLU A 73 -13.61 2.94 7.21
CA GLU A 73 -14.27 2.35 8.38
C GLU A 73 -13.72 2.96 9.67
N THR A 74 -12.45 3.31 9.69
CA THR A 74 -11.84 3.84 10.89
C THR A 74 -11.99 5.35 10.95
ZN ZN B . -7.08 -3.85 4.41
#